data_1OMK
# 
_entry.id   1OMK 
# 
_audit_conform.dict_name       mmcif_pdbx.dic 
_audit_conform.dict_version    5.389 
_audit_conform.dict_location   http://mmcif.pdb.org/dictionaries/ascii/mmcif_pdbx.dic 
# 
loop_
_database_2.database_id 
_database_2.database_code 
_database_2.pdbx_database_accession 
_database_2.pdbx_DOI 
PDB   1OMK         pdb_00001omk 10.2210/pdb1omk/pdb 
NDB   ZD0010       ?            ?                   
RCSB  RCSB018445   ?            ?                   
WWPDB D_1000018445 ?            ?                   
# 
loop_
_pdbx_audit_revision_history.ordinal 
_pdbx_audit_revision_history.data_content_type 
_pdbx_audit_revision_history.major_revision 
_pdbx_audit_revision_history.minor_revision 
_pdbx_audit_revision_history.revision_date 
1 'Structure model' 1 0 2003-11-04 
2 'Structure model' 1 1 2008-04-29 
3 'Structure model' 1 2 2011-07-13 
4 'Structure model' 1 3 2017-10-11 
5 'Structure model' 1 4 2024-02-14 
6 'Structure model' 1 5 2024-04-03 
# 
_pdbx_audit_revision_details.ordinal             1 
_pdbx_audit_revision_details.revision_ordinal    1 
_pdbx_audit_revision_details.data_content_type   'Structure model' 
_pdbx_audit_revision_details.provider            repository 
_pdbx_audit_revision_details.type                'Initial release' 
_pdbx_audit_revision_details.description         ? 
_pdbx_audit_revision_details.details             ? 
# 
loop_
_pdbx_audit_revision_group.ordinal 
_pdbx_audit_revision_group.revision_ordinal 
_pdbx_audit_revision_group.data_content_type 
_pdbx_audit_revision_group.group 
1 2 'Structure model' 'Version format compliance' 
2 3 'Structure model' 'Version format compliance' 
3 4 'Structure model' 'Refinement description'    
4 5 'Structure model' 'Data collection'           
5 5 'Structure model' 'Database references'       
6 5 'Structure model' 'Derived calculations'      
7 6 'Structure model' 'Refinement description'    
# 
loop_
_pdbx_audit_revision_category.ordinal 
_pdbx_audit_revision_category.revision_ordinal 
_pdbx_audit_revision_category.data_content_type 
_pdbx_audit_revision_category.category 
1 4 'Structure model' software                      
2 5 'Structure model' chem_comp_atom                
3 5 'Structure model' chem_comp_bond                
4 5 'Structure model' database_2                    
5 5 'Structure model' diffrn_source                 
6 5 'Structure model' struct_conn                   
7 5 'Structure model' struct_site                   
8 6 'Structure model' pdbx_initial_refinement_model 
# 
loop_
_pdbx_audit_revision_item.ordinal 
_pdbx_audit_revision_item.revision_ordinal 
_pdbx_audit_revision_item.data_content_type 
_pdbx_audit_revision_item.item 
1 4 'Structure model' '_software.name'                       
2 5 'Structure model' '_database_2.pdbx_DOI'                 
3 5 'Structure model' '_database_2.pdbx_database_accession'  
4 5 'Structure model' '_diffrn_source.pdbx_synchrotron_site' 
5 5 'Structure model' '_struct_conn.pdbx_leaving_atom_flag'  
6 5 'Structure model' '_struct_site.pdbx_auth_asym_id'       
7 5 'Structure model' '_struct_site.pdbx_auth_comp_id'       
8 5 'Structure model' '_struct_site.pdbx_auth_seq_id'        
# 
_pdbx_database_status.status_code                     REL 
_pdbx_database_status.entry_id                        1OMK 
_pdbx_database_status.recvd_initial_deposition_date   2003-02-25 
_pdbx_database_status.deposit_site                    RCSB 
_pdbx_database_status.process_site                    RCSB 
_pdbx_database_status.status_code_sf                  REL 
_pdbx_database_status.SG_entry                        . 
_pdbx_database_status.pdb_format_compatible           Y 
_pdbx_database_status.status_code_mr                  ? 
_pdbx_database_status.status_code_cs                  ? 
_pdbx_database_status.methods_development_category    ? 
_pdbx_database_status.status_code_nmr_data            ? 
# 
loop_
_audit_author.name 
_audit_author.pdbx_ordinal 
'Schuerman, G.'    1 
'Van Hecke, K.'    2 
'Van Meervelt, L.' 3 
# 
_citation.id                        primary 
_citation.title                     
;Exploration of the influence of 5-iodo-2'-deoxyuridine incorporation on the structure of d[CACG(IDU)G].
;
_citation.journal_abbrev            'Acta Crystallogr.,Sect.D' 
_citation.journal_volume            59 
_citation.page_first                1525 
_citation.page_last                 1528 
_citation.year                      2003 
_citation.journal_id_ASTM           ABCRE6 
_citation.country                   DK 
_citation.journal_id_ISSN           0907-4449 
_citation.journal_id_CSD            0766 
_citation.book_publisher            ? 
_citation.pdbx_database_id_PubMed   12876373 
_citation.pdbx_database_id_DOI      10.1107/S0907444903012381 
# 
loop_
_citation_author.citation_id 
_citation_author.name 
_citation_author.ordinal 
_citation_author.identifier_ORCID 
primary 'Schuerman, G.'    1 ? 
primary 'Van Hecke, K.'    2 ? 
primary 'Van Meervelt, L.' 3 ? 
# 
loop_
_entity.id 
_entity.type 
_entity.src_method 
_entity.pdbx_description 
_entity.formula_weight 
_entity.pdbx_number_of_molecules 
_entity.pdbx_ec 
_entity.pdbx_mutation 
_entity.pdbx_fragment 
_entity.details 
1 polymer     syn "5'-D(*CP*AP*CP*GP*(5IU)P*G)-3'" 1921.087 2  ? ? ? ? 
2 non-polymer syn 'COBALT HEXAMMINE(III)'          161.116  2  ? ? ? ? 
3 water       nat water                            18.015   43 ? ? ? ? 
# 
_entity_poly.entity_id                      1 
_entity_poly.type                           polydeoxyribonucleotide 
_entity_poly.nstd_linkage                   no 
_entity_poly.nstd_monomer                   yes 
_entity_poly.pdbx_seq_one_letter_code       '(DC)(DA)(DC)(DG)(5IU)(DG)' 
_entity_poly.pdbx_seq_one_letter_code_can   CACGUG 
_entity_poly.pdbx_strand_id                 A,B 
_entity_poly.pdbx_target_identifier         ? 
# 
loop_
_pdbx_entity_nonpoly.entity_id 
_pdbx_entity_nonpoly.name 
_pdbx_entity_nonpoly.comp_id 
2 'COBALT HEXAMMINE(III)' NCO 
3 water                   HOH 
# 
loop_
_entity_poly_seq.entity_id 
_entity_poly_seq.num 
_entity_poly_seq.mon_id 
_entity_poly_seq.hetero 
1 1 DC  n 
1 2 DA  n 
1 3 DC  n 
1 4 DG  n 
1 5 5IU n 
1 6 DG  n 
# 
_pdbx_entity_src_syn.entity_id              1 
_pdbx_entity_src_syn.pdbx_src_id            1 
_pdbx_entity_src_syn.pdbx_alt_source_flag   sample 
_pdbx_entity_src_syn.pdbx_beg_seq_num       ? 
_pdbx_entity_src_syn.pdbx_end_seq_num       ? 
_pdbx_entity_src_syn.organism_scientific    ? 
_pdbx_entity_src_syn.organism_common_name   ? 
_pdbx_entity_src_syn.ncbi_taxonomy_id       ? 
_pdbx_entity_src_syn.details                'THE OLIGONUCLEOTIDE WAS SYNTHESIZED BY THE REGA-INSTITUTE KULEUVEN' 
# 
loop_
_chem_comp.id 
_chem_comp.type 
_chem_comp.mon_nstd_flag 
_chem_comp.name 
_chem_comp.pdbx_synonyms 
_chem_comp.formula 
_chem_comp.formula_weight 
5IU 'DNA linking' n "5-IODO-2'-DEOXYURIDINE-5'-MONOPHOSPHATE" ? 'C9 H12 I N2 O8 P' 434.078 
DA  'DNA linking' y "2'-DEOXYADENOSINE-5'-MONOPHOSPHATE"      ? 'C10 H14 N5 O6 P'  331.222 
DC  'DNA linking' y "2'-DEOXYCYTIDINE-5'-MONOPHOSPHATE"       ? 'C9 H14 N3 O7 P'   307.197 
DG  'DNA linking' y "2'-DEOXYGUANOSINE-5'-MONOPHOSPHATE"      ? 'C10 H14 N5 O7 P'  347.221 
HOH non-polymer   . WATER                                     ? 'H2 O'             18.015  
NCO non-polymer   . 'COBALT HEXAMMINE(III)'                   ? 'Co H18 N6 3'      161.116 
# 
loop_
_pdbx_poly_seq_scheme.asym_id 
_pdbx_poly_seq_scheme.entity_id 
_pdbx_poly_seq_scheme.seq_id 
_pdbx_poly_seq_scheme.mon_id 
_pdbx_poly_seq_scheme.ndb_seq_num 
_pdbx_poly_seq_scheme.pdb_seq_num 
_pdbx_poly_seq_scheme.auth_seq_num 
_pdbx_poly_seq_scheme.pdb_mon_id 
_pdbx_poly_seq_scheme.auth_mon_id 
_pdbx_poly_seq_scheme.pdb_strand_id 
_pdbx_poly_seq_scheme.pdb_ins_code 
_pdbx_poly_seq_scheme.hetero 
A 1 1 DC  1 1  1  DC  C  A . n 
A 1 2 DA  2 2  2  DA  A  A . n 
A 1 3 DC  3 3  3  DC  C  A . n 
A 1 4 DG  4 4  4  DG  G  A . n 
A 1 5 5IU 5 5  5  5IU +U A . n 
A 1 6 DG  6 6  6  DG  G  A . n 
B 1 1 DC  1 7  7  DC  C  B . n 
B 1 2 DA  2 8  8  DA  A  B . n 
B 1 3 DC  3 9  9  DC  C  B . n 
B 1 4 DG  4 10 10 DG  G  B . n 
B 1 5 5IU 5 11 11 5IU +U B . n 
B 1 6 DG  6 12 12 DG  G  B . n 
# 
loop_
_pdbx_nonpoly_scheme.asym_id 
_pdbx_nonpoly_scheme.entity_id 
_pdbx_nonpoly_scheme.mon_id 
_pdbx_nonpoly_scheme.ndb_seq_num 
_pdbx_nonpoly_scheme.pdb_seq_num 
_pdbx_nonpoly_scheme.auth_seq_num 
_pdbx_nonpoly_scheme.pdb_mon_id 
_pdbx_nonpoly_scheme.auth_mon_id 
_pdbx_nonpoly_scheme.pdb_strand_id 
_pdbx_nonpoly_scheme.pdb_ins_code 
C 2 NCO 1  30  30  NCO NCO A . 
D 2 NCO 1  31  31  NCO NCO A . 
E 3 HOH 1  101 101 HOH HOH A . 
E 3 HOH 2  102 102 HOH HOH A . 
E 3 HOH 3  103 103 HOH HOH A . 
E 3 HOH 4  105 105 HOH HOH A . 
E 3 HOH 5  106 106 HOH HOH A . 
E 3 HOH 6  109 109 HOH HOH A . 
E 3 HOH 7  111 111 HOH HOH A . 
E 3 HOH 8  112 112 HOH HOH A . 
E 3 HOH 9  114 114 HOH HOH A . 
E 3 HOH 10 115 115 HOH HOH A . 
E 3 HOH 11 120 120 HOH HOH A . 
E 3 HOH 12 121 121 HOH HOH A . 
E 3 HOH 13 123 123 HOH HOH A . 
E 3 HOH 14 124 124 HOH HOH A . 
E 3 HOH 15 125 125 HOH HOH A . 
E 3 HOH 16 129 129 HOH HOH A . 
E 3 HOH 17 130 130 HOH HOH A . 
E 3 HOH 18 132 132 HOH HOH A . 
E 3 HOH 19 133 133 HOH HOH A . 
E 3 HOH 20 134 134 HOH HOH A . 
E 3 HOH 21 137 137 HOH HOH A . 
E 3 HOH 22 140 140 HOH HOH A . 
E 3 HOH 23 143 143 HOH HOH A . 
F 3 HOH 1  104 104 HOH HOH B . 
F 3 HOH 2  107 107 HOH HOH B . 
F 3 HOH 3  108 108 HOH HOH B . 
F 3 HOH 4  110 110 HOH HOH B . 
F 3 HOH 5  113 113 HOH HOH B . 
F 3 HOH 6  116 116 HOH HOH B . 
F 3 HOH 7  117 117 HOH HOH B . 
F 3 HOH 8  118 118 HOH HOH B . 
F 3 HOH 9  119 119 HOH HOH B . 
F 3 HOH 10 122 122 HOH HOH B . 
F 3 HOH 11 126 126 HOH HOH B . 
F 3 HOH 12 127 127 HOH HOH B . 
F 3 HOH 13 128 128 HOH HOH B . 
F 3 HOH 14 131 131 HOH HOH B . 
F 3 HOH 15 135 135 HOH HOH B . 
F 3 HOH 16 136 136 HOH HOH B . 
F 3 HOH 17 138 138 HOH HOH B . 
F 3 HOH 18 139 139 HOH HOH B . 
F 3 HOH 19 141 141 HOH HOH B . 
F 3 HOH 20 142 142 HOH HOH B . 
# 
loop_
_software.name 
_software.classification 
_software.version 
_software.citation_id 
_software.pdbx_ordinal 
DENZO     'data reduction' . ? 1 
SCALEPACK 'data scaling'   . ? 2 
AMoRE     phasing          . ? 3 
SHELXL    refinement       . ? 4 
# 
_cell.entry_id           1OMK 
_cell.length_a           18.155 
_cell.length_b           30.034 
_cell.length_c           41.988 
_cell.angle_alpha        90.00 
_cell.angle_beta         90.00 
_cell.angle_gamma        90.00 
_cell.Z_PDB              8 
_cell.pdbx_unique_axis   ? 
# 
_symmetry.entry_id                         1OMK 
_symmetry.space_group_name_H-M             'P 21 21 21' 
_symmetry.pdbx_full_space_group_name_H-M   ? 
_symmetry.cell_setting                     ? 
_symmetry.Int_Tables_number                19 
# 
_exptl.entry_id          1OMK 
_exptl.method            'X-RAY DIFFRACTION' 
_exptl.crystals_number   1 
# 
_exptl_crystal.id                    1 
_exptl_crystal.density_meas          ? 
_exptl_crystal.density_Matthews      1.49 
_exptl_crystal.density_percent_sol   17.43 
_exptl_crystal.description           ? 
# 
_exptl_crystal_grow.crystal_id      1 
_exptl_crystal_grow.method          'VAPOR DIFFUSION, HANGING DROP' 
_exptl_crystal_grow.temp            290.0 
_exptl_crystal_grow.temp_details    ? 
_exptl_crystal_grow.pH              5.5 
_exptl_crystal_grow.pdbx_details    
;potassium cacodylate, MPD, magnesium chloride, potassium chloride, cobalt hexamine , pH 5.5, VAPOR DIFFUSION, HANGING DROP, temperature 290.0K
;
_exptl_crystal_grow.pdbx_pH_range   . 
# 
loop_
_exptl_crystal_grow_comp.crystal_id 
_exptl_crystal_grow_comp.id 
_exptl_crystal_grow_comp.sol_id 
_exptl_crystal_grow_comp.name 
_exptl_crystal_grow_comp.volume 
_exptl_crystal_grow_comp.conc 
_exptl_crystal_grow_comp.details 
1 1 1 'potassium cacodylate' ? ? ? 
1 2 1 MPD                    ? ? ? 
1 3 1 'magnesium chloride'   ? ? ? 
1 4 1 'potassium chloride'   ? ? ? 
1 5 1 'cobalt hexamine'      ? ? ? 
1 6 2 MPD                    ? ? ? 
1 7 2 'potassium cacodylate' ? ? ? 
1 8 2 'magnesium chloride'   ? ? ? 
1 9 2 'potassium chloride'   ? ? ? 
# 
_diffrn.id                     1 
_diffrn.ambient_temp           120.0 
_diffrn.ambient_temp_details   ? 
_diffrn.crystal_id             1 
# 
_diffrn_detector.diffrn_id              1 
_diffrn_detector.detector               'IMAGE PLATE' 
_diffrn_detector.type                   MARRESEARCH 
_diffrn_detector.pdbx_collection_date   1998-05-05 
_diffrn_detector.details                ? 
# 
_diffrn_radiation.diffrn_id                        1 
_diffrn_radiation.wavelength_id                    1 
_diffrn_radiation.pdbx_monochromatic_or_laue_m_l   M 
_diffrn_radiation.monochromator                    ? 
_diffrn_radiation.pdbx_diffrn_protocol             'SINGLE WAVELENGTH' 
_diffrn_radiation.pdbx_scattering_type             x-ray 
# 
_diffrn_radiation_wavelength.id           1 
_diffrn_radiation_wavelength.wavelength   1.000 
_diffrn_radiation_wavelength.wt           1.0 
# 
_diffrn_source.diffrn_id                   1 
_diffrn_source.source                      SYNCHROTRON 
_diffrn_source.type                        'EMBL/DESY, HAMBURG BEAMLINE X11' 
_diffrn_source.pdbx_synchrotron_site       'EMBL/DESY, HAMBURG' 
_diffrn_source.pdbx_synchrotron_beamline   X11 
_diffrn_source.pdbx_wavelength             ? 
_diffrn_source.pdbx_wavelength_list        1.000 
# 
_reflns.entry_id                     1OMK 
_reflns.observed_criterion_sigma_F   ? 
_reflns.observed_criterion_sigma_I   ? 
_reflns.d_resolution_high            1.30 
_reflns.d_resolution_low             20.0 
_reflns.number_all                   6103 
_reflns.number_obs                   5988 
_reflns.percent_possible_obs         98.2 
_reflns.pdbx_Rmerge_I_obs            0.062 
_reflns.pdbx_Rsym_value              ? 
_reflns.pdbx_netI_over_sigmaI        ? 
_reflns.B_iso_Wilson_estimate        22.5 
_reflns.pdbx_redundancy              22.9 
_reflns.R_free_details               ? 
_reflns.pdbx_diffrn_id               1 
_reflns.pdbx_ordinal                 1 
# 
_reflns_shell.d_res_high             1.30 
_reflns_shell.d_res_low              1.35 
_reflns_shell.percent_possible_all   98.8 
_reflns_shell.Rmerge_I_obs           0.165 
_reflns_shell.pdbx_Rsym_value        ? 
_reflns_shell.meanI_over_sigI_obs    ? 
_reflns_shell.pdbx_redundancy        ? 
_reflns_shell.percent_possible_obs   ? 
_reflns_shell.number_unique_all      903 
_reflns_shell.pdbx_diffrn_id         ? 
_reflns_shell.pdbx_ordinal           1 
# 
_refine.entry_id                                 1OMK 
_refine.ls_d_res_high                            1.30 
_refine.ls_d_res_low                             20.0 
_refine.pdbx_ls_sigma_F                          4.0 
_refine.pdbx_ls_sigma_I                          ? 
_refine.ls_number_reflns_all                     5988 
_refine.ls_number_reflns_obs                     5036 
_refine.ls_number_reflns_R_free                  ? 
_refine.ls_percent_reflns_obs                    98.2 
_refine.ls_R_factor_all                          ? 
_refine.ls_R_factor_obs                          ? 
_refine.ls_R_factor_R_work                       ? 
_refine.ls_R_factor_R_free                       ? 
_refine.ls_redundancy_reflns_obs                 ? 
_refine.pdbx_data_cutoff_high_absF               ? 
_refine.pdbx_data_cutoff_low_absF                ? 
_refine.ls_number_parameters                     ? 
_refine.ls_number_restraints                     ? 
_refine.ls_percent_reflns_R_free                 ? 
_refine.ls_R_factor_R_free_error                 ? 
_refine.ls_R_factor_R_free_error_details         ? 
_refine.pdbx_method_to_determine_struct          'MOLECULAR REPLACEMENT' 
_refine.pdbx_starting_model                      'NDB ENTRY ZDFB51' 
_refine.pdbx_ls_cross_valid_method               ? 
_refine.pdbx_R_Free_selection_details            ? 
_refine.pdbx_stereochem_target_val_spec_case     ? 
_refine.pdbx_stereochemistry_target_values       ? 
_refine.solvent_model_details                    ? 
_refine.solvent_model_param_bsol                 ? 
_refine.solvent_model_param_ksol                 ? 
_refine.occupancy_max                            ? 
_refine.occupancy_min                            ? 
_refine.pdbx_isotropic_thermal_model             Isotropic 
_refine.B_iso_mean                               ? 
_refine.aniso_B[1][1]                            ? 
_refine.aniso_B[1][2]                            ? 
_refine.aniso_B[1][3]                            ? 
_refine.aniso_B[2][2]                            ? 
_refine.aniso_B[2][3]                            ? 
_refine.aniso_B[3][3]                            ? 
_refine.details                                  'The iodo atoms are refined anisotropically' 
_refine.correlation_coeff_Fo_to_Fc               ? 
_refine.correlation_coeff_Fo_to_Fc_free          ? 
_refine.pdbx_solvent_vdw_probe_radii             ? 
_refine.pdbx_solvent_ion_probe_radii             ? 
_refine.pdbx_solvent_shrinkage_radii             ? 
_refine.overall_SU_R_Cruickshank_DPI             ? 
_refine.overall_SU_R_free                        ? 
_refine.overall_SU_B                             ? 
_refine.overall_SU_ML                            ? 
_refine.pdbx_overall_ESU_R                       ? 
_refine.pdbx_overall_ESU_R_Free                  ? 
_refine.pdbx_data_cutoff_high_rms_absF           ? 
_refine.pdbx_refine_id                           'X-RAY DIFFRACTION' 
_refine.pdbx_diffrn_id                           1 
_refine.pdbx_TLS_residual_ADP_flag               ? 
_refine.pdbx_overall_phase_error                 ? 
_refine.pdbx_overall_SU_R_free_Cruickshank_DPI   ? 
_refine.pdbx_overall_SU_R_Blow_DPI               ? 
_refine.pdbx_overall_SU_R_free_Blow_DPI          ? 
# 
_refine_hist.pdbx_refine_id                   'X-RAY DIFFRACTION' 
_refine_hist.cycle_id                         LAST 
_refine_hist.pdbx_number_atoms_protein        0 
_refine_hist.pdbx_number_atoms_nucleic_acid   240 
_refine_hist.pdbx_number_atoms_ligand         14 
_refine_hist.number_atoms_solvent             43 
_refine_hist.number_atoms_total               297 
_refine_hist.d_res_high                       1.30 
_refine_hist.d_res_low                        20.0 
# 
_pdbx_refine.entry_id                                    1OMK 
_pdbx_refine.R_factor_all_no_cutoff                      0.167 
_pdbx_refine.R_factor_obs_no_cutoff                      ? 
_pdbx_refine.number_reflns_obs_no_cutoff                 ? 
_pdbx_refine.free_R_factor_no_cutoff                     ? 
_pdbx_refine.free_R_val_test_set_ct_no_cutoff            ? 
_pdbx_refine.free_R_val_test_set_size_perc_no_cutoff     ? 
_pdbx_refine.R_factor_all_4sig_cutoff                    0.159 
_pdbx_refine.R_factor_obs_4sig_cutoff                    ? 
_pdbx_refine.number_reflns_obs_4sig_cutoff               5036 
_pdbx_refine.free_R_factor_4sig_cutoff                   ? 
_pdbx_refine.free_R_val_test_set_ct_4sig_cutoff          ? 
_pdbx_refine.free_R_val_test_set_size_perc_4sig_cutoff   ? 
_pdbx_refine.pdbx_refine_id                              'X-RAY DIFFRACTION' 
_pdbx_refine.free_R_error_no_cutoff                      ? 
# 
_struct.entry_id                  1OMK 
_struct.title                     'The Crystal Structure of d(CACG(5IU)G)' 
_struct.pdbx_model_details        ? 
_struct.pdbx_CASP_flag            ? 
_struct.pdbx_model_type_details   ? 
# 
_struct_keywords.entry_id        1OMK 
_struct_keywords.pdbx_keywords   DNA 
_struct_keywords.text            
;Z-DNA, 5-IODO-2'-DEOXYURIDINE, DNA
;
# 
loop_
_struct_asym.id 
_struct_asym.pdbx_blank_PDB_chainid_flag 
_struct_asym.pdbx_modified 
_struct_asym.entity_id 
_struct_asym.details 
A N N 1 ? 
B N N 1 ? 
C N N 2 ? 
D N N 2 ? 
E N N 3 ? 
F N N 3 ? 
# 
_struct_ref.id                         1 
_struct_ref.entity_id                  1 
_struct_ref.db_name                    PDB 
_struct_ref.db_code                    1OMK 
_struct_ref.pdbx_db_accession          1OMK 
_struct_ref.pdbx_db_isoform            ? 
_struct_ref.pdbx_seq_one_letter_code   ? 
_struct_ref.pdbx_align_begin           ? 
# 
loop_
_struct_ref_seq.align_id 
_struct_ref_seq.ref_id 
_struct_ref_seq.pdbx_PDB_id_code 
_struct_ref_seq.pdbx_strand_id 
_struct_ref_seq.seq_align_beg 
_struct_ref_seq.pdbx_seq_align_beg_ins_code 
_struct_ref_seq.seq_align_end 
_struct_ref_seq.pdbx_seq_align_end_ins_code 
_struct_ref_seq.pdbx_db_accession 
_struct_ref_seq.db_align_beg 
_struct_ref_seq.pdbx_db_align_beg_ins_code 
_struct_ref_seq.db_align_end 
_struct_ref_seq.pdbx_db_align_end_ins_code 
_struct_ref_seq.pdbx_auth_seq_align_beg 
_struct_ref_seq.pdbx_auth_seq_align_end 
1 1 1OMK A 1 ? 6 ? 1OMK 1 ? 6  ? 1 6  
2 1 1OMK B 1 ? 6 ? 1OMK 7 ? 12 ? 7 12 
# 
_pdbx_struct_assembly.id                   1 
_pdbx_struct_assembly.details              author_defined_assembly 
_pdbx_struct_assembly.method_details       ? 
_pdbx_struct_assembly.oligomeric_details   dimeric 
_pdbx_struct_assembly.oligomeric_count     2 
# 
_pdbx_struct_assembly_gen.assembly_id       1 
_pdbx_struct_assembly_gen.oper_expression   1 
_pdbx_struct_assembly_gen.asym_id_list      A,B,C,D,E,F 
# 
_pdbx_struct_oper_list.id                   1 
_pdbx_struct_oper_list.type                 'identity operation' 
_pdbx_struct_oper_list.name                 1_555 
_pdbx_struct_oper_list.symmetry_operation   x,y,z 
_pdbx_struct_oper_list.matrix[1][1]         1.0000000000 
_pdbx_struct_oper_list.matrix[1][2]         0.0000000000 
_pdbx_struct_oper_list.matrix[1][3]         0.0000000000 
_pdbx_struct_oper_list.vector[1]            0.0000000000 
_pdbx_struct_oper_list.matrix[2][1]         0.0000000000 
_pdbx_struct_oper_list.matrix[2][2]         1.0000000000 
_pdbx_struct_oper_list.matrix[2][3]         0.0000000000 
_pdbx_struct_oper_list.vector[2]            0.0000000000 
_pdbx_struct_oper_list.matrix[3][1]         0.0000000000 
_pdbx_struct_oper_list.matrix[3][2]         0.0000000000 
_pdbx_struct_oper_list.matrix[3][3]         1.0000000000 
_pdbx_struct_oper_list.vector[3]            0.0000000000 
# 
loop_
_struct_conn.id 
_struct_conn.conn_type_id 
_struct_conn.pdbx_leaving_atom_flag 
_struct_conn.pdbx_PDB_id 
_struct_conn.ptnr1_label_asym_id 
_struct_conn.ptnr1_label_comp_id 
_struct_conn.ptnr1_label_seq_id 
_struct_conn.ptnr1_label_atom_id 
_struct_conn.pdbx_ptnr1_label_alt_id 
_struct_conn.pdbx_ptnr1_PDB_ins_code 
_struct_conn.pdbx_ptnr1_standard_comp_id 
_struct_conn.ptnr1_symmetry 
_struct_conn.ptnr2_label_asym_id 
_struct_conn.ptnr2_label_comp_id 
_struct_conn.ptnr2_label_seq_id 
_struct_conn.ptnr2_label_atom_id 
_struct_conn.pdbx_ptnr2_label_alt_id 
_struct_conn.pdbx_ptnr2_PDB_ins_code 
_struct_conn.ptnr1_auth_asym_id 
_struct_conn.ptnr1_auth_comp_id 
_struct_conn.ptnr1_auth_seq_id 
_struct_conn.ptnr2_auth_asym_id 
_struct_conn.ptnr2_auth_comp_id 
_struct_conn.ptnr2_auth_seq_id 
_struct_conn.ptnr2_symmetry 
_struct_conn.pdbx_ptnr3_label_atom_id 
_struct_conn.pdbx_ptnr3_label_seq_id 
_struct_conn.pdbx_ptnr3_label_comp_id 
_struct_conn.pdbx_ptnr3_label_asym_id 
_struct_conn.pdbx_ptnr3_label_alt_id 
_struct_conn.pdbx_ptnr3_PDB_ins_code 
_struct_conn.details 
_struct_conn.pdbx_dist_value 
_struct_conn.pdbx_value_order 
_struct_conn.pdbx_role 
covale1  covale both ? A DG  4 "O3'" ? ? ? 1_555 A 5IU 5 P  ? ? A DG  4  A 5IU 5  1_555 ? ? ? ? ? ? ?            1.591 ? ? 
covale2  covale both ? A 5IU 5 "O3'" ? ? ? 1_555 A DG  6 P  ? ? A 5IU 5  A DG  6  1_555 ? ? ? ? ? ? ?            1.628 ? ? 
covale3  covale both ? B DG  4 "O3'" ? ? ? 1_555 B 5IU 5 P  ? ? B DG  10 B 5IU 11 1_555 ? ? ? ? ? ? ?            1.577 ? ? 
covale4  covale both ? B 5IU 5 "O3'" ? ? ? 1_555 B DG  6 P  ? ? B 5IU 11 B DG  12 1_555 ? ? ? ? ? ? ?            1.629 ? ? 
hydrog1  hydrog ?    ? A DC  1 N3    ? ? ? 1_555 B DG  6 N1 ? ? A DC  1  B DG  12 1_555 ? ? ? ? ? ? WATSON-CRICK ?     ? ? 
hydrog2  hydrog ?    ? A DC  1 N4    ? ? ? 1_555 B DG  6 O6 ? ? A DC  1  B DG  12 1_555 ? ? ? ? ? ? WATSON-CRICK ?     ? ? 
hydrog3  hydrog ?    ? A DC  1 O2    ? ? ? 1_555 B DG  6 N2 ? ? A DC  1  B DG  12 1_555 ? ? ? ? ? ? WATSON-CRICK ?     ? ? 
hydrog4  hydrog ?    ? A DA  2 N1    ? ? ? 1_555 B 5IU 5 N3 ? ? A DA  2  B 5IU 11 1_555 ? ? ? ? ? ? WATSON-CRICK ?     ? ? 
hydrog5  hydrog ?    ? A DA  2 N6    ? ? ? 1_555 B 5IU 5 O4 ? ? A DA  2  B 5IU 11 1_555 ? ? ? ? ? ? WATSON-CRICK ?     ? ? 
hydrog6  hydrog ?    ? A DC  3 N3    ? ? ? 1_555 B DG  4 N1 ? ? A DC  3  B DG  10 1_555 ? ? ? ? ? ? WATSON-CRICK ?     ? ? 
hydrog7  hydrog ?    ? A DC  3 N4    ? ? ? 1_555 B DG  4 O6 ? ? A DC  3  B DG  10 1_555 ? ? ? ? ? ? WATSON-CRICK ?     ? ? 
hydrog8  hydrog ?    ? A DC  3 O2    ? ? ? 1_555 B DG  4 N2 ? ? A DC  3  B DG  10 1_555 ? ? ? ? ? ? WATSON-CRICK ?     ? ? 
hydrog9  hydrog ?    ? A DG  4 N1    ? ? ? 1_555 B DC  3 N3 ? ? A DG  4  B DC  9  1_555 ? ? ? ? ? ? WATSON-CRICK ?     ? ? 
hydrog10 hydrog ?    ? A DG  4 N2    ? ? ? 1_555 B DC  3 O2 ? ? A DG  4  B DC  9  1_555 ? ? ? ? ? ? WATSON-CRICK ?     ? ? 
hydrog11 hydrog ?    ? A DG  4 O6    ? ? ? 1_555 B DC  3 N4 ? ? A DG  4  B DC  9  1_555 ? ? ? ? ? ? WATSON-CRICK ?     ? ? 
hydrog12 hydrog ?    ? A 5IU 5 N3    ? ? ? 1_555 B DA  2 N1 ? ? A 5IU 5  B DA  8  1_555 ? ? ? ? ? ? WATSON-CRICK ?     ? ? 
hydrog13 hydrog ?    ? A 5IU 5 O4    ? ? ? 1_555 B DA  2 N6 ? ? A 5IU 5  B DA  8  1_555 ? ? ? ? ? ? WATSON-CRICK ?     ? ? 
hydrog14 hydrog ?    ? A DG  6 N1    ? ? ? 1_555 B DC  1 N3 ? ? A DG  6  B DC  7  1_555 ? ? ? ? ? ? WATSON-CRICK ?     ? ? 
hydrog15 hydrog ?    ? A DG  6 N2    ? ? ? 1_555 B DC  1 O2 ? ? A DG  6  B DC  7  1_555 ? ? ? ? ? ? WATSON-CRICK ?     ? ? 
hydrog16 hydrog ?    ? A DG  6 O6    ? ? ? 1_555 B DC  1 N4 ? ? A DG  6  B DC  7  1_555 ? ? ? ? ? ? WATSON-CRICK ?     ? ? 
# 
loop_
_struct_conn_type.id 
_struct_conn_type.criteria 
_struct_conn_type.reference 
covale ? ? 
hydrog ? ? 
# 
loop_
_struct_site.id 
_struct_site.pdbx_evidence_code 
_struct_site.pdbx_auth_asym_id 
_struct_site.pdbx_auth_comp_id 
_struct_site.pdbx_auth_seq_id 
_struct_site.pdbx_auth_ins_code 
_struct_site.pdbx_num_residues 
_struct_site.details 
AC1 Software A NCO 30 ? 8 'BINDING SITE FOR RESIDUE NCO A 30' 
AC2 Software A NCO 31 ? 7 'BINDING SITE FOR RESIDUE NCO A 31' 
# 
loop_
_struct_site_gen.id 
_struct_site_gen.site_id 
_struct_site_gen.pdbx_num_res 
_struct_site_gen.label_comp_id 
_struct_site_gen.label_asym_id 
_struct_site_gen.label_seq_id 
_struct_site_gen.pdbx_auth_ins_code 
_struct_site_gen.auth_comp_id 
_struct_site_gen.auth_asym_id 
_struct_site_gen.auth_seq_id 
_struct_site_gen.label_atom_id 
_struct_site_gen.label_alt_id 
_struct_site_gen.symmetry 
_struct_site_gen.details 
1  AC1 8 DC  A 3 ? DC  A 3   . ? 1_455 ? 
2  AC1 8 DG  A 4 ? DG  A 4   . ? 1_455 ? 
3  AC1 8 DG  A 4 ? DG  A 4   . ? 4_465 ? 
4  AC1 8 5IU A 5 ? 5IU A 5   . ? 4_465 ? 
5  AC1 8 DG  A 6 ? DG  A 6   . ? 1_555 ? 
6  AC1 8 HOH E . ? HOH A 102 . ? 1_455 ? 
7  AC1 8 HOH E . ? HOH A 134 . ? 1_555 ? 
8  AC1 8 DG  B 4 ? DG  B 10  . ? 1_555 ? 
9  AC2 7 DG  A 4 ? DG  A 4   . ? 4_565 ? 
10 AC2 7 DG  A 6 ? DG  A 6   . ? 1_555 ? 
11 AC2 7 HOH E . ? HOH A 106 . ? 4_565 ? 
12 AC2 7 HOH E . ? HOH A 109 . ? 4_565 ? 
13 AC2 7 HOH E . ? HOH A 130 . ? 4_565 ? 
14 AC2 7 DG  B 6 ? DG  B 12  . ? 4_565 ? 
15 AC2 7 DG  B 6 ? DG  B 12  . ? 2_564 ? 
# 
_pdbx_validate_rmsd_bond.id                        1 
_pdbx_validate_rmsd_bond.PDB_model_num             1 
_pdbx_validate_rmsd_bond.auth_atom_id_1            P 
_pdbx_validate_rmsd_bond.auth_asym_id_1            B 
_pdbx_validate_rmsd_bond.auth_comp_id_1            DG 
_pdbx_validate_rmsd_bond.auth_seq_id_1             10 
_pdbx_validate_rmsd_bond.PDB_ins_code_1            ? 
_pdbx_validate_rmsd_bond.label_alt_id_1            ? 
_pdbx_validate_rmsd_bond.auth_atom_id_2            "O5'" 
_pdbx_validate_rmsd_bond.auth_asym_id_2            B 
_pdbx_validate_rmsd_bond.auth_comp_id_2            DG 
_pdbx_validate_rmsd_bond.auth_seq_id_2             10 
_pdbx_validate_rmsd_bond.PDB_ins_code_2            ? 
_pdbx_validate_rmsd_bond.label_alt_id_2            ? 
_pdbx_validate_rmsd_bond.bond_value                1.666 
_pdbx_validate_rmsd_bond.bond_target_value         1.593 
_pdbx_validate_rmsd_bond.bond_deviation            0.073 
_pdbx_validate_rmsd_bond.bond_standard_deviation   0.010 
_pdbx_validate_rmsd_bond.linker_flag               N 
# 
loop_
_pdbx_validate_rmsd_angle.id 
_pdbx_validate_rmsd_angle.PDB_model_num 
_pdbx_validate_rmsd_angle.auth_atom_id_1 
_pdbx_validate_rmsd_angle.auth_asym_id_1 
_pdbx_validate_rmsd_angle.auth_comp_id_1 
_pdbx_validate_rmsd_angle.auth_seq_id_1 
_pdbx_validate_rmsd_angle.PDB_ins_code_1 
_pdbx_validate_rmsd_angle.label_alt_id_1 
_pdbx_validate_rmsd_angle.auth_atom_id_2 
_pdbx_validate_rmsd_angle.auth_asym_id_2 
_pdbx_validate_rmsd_angle.auth_comp_id_2 
_pdbx_validate_rmsd_angle.auth_seq_id_2 
_pdbx_validate_rmsd_angle.PDB_ins_code_2 
_pdbx_validate_rmsd_angle.label_alt_id_2 
_pdbx_validate_rmsd_angle.auth_atom_id_3 
_pdbx_validate_rmsd_angle.auth_asym_id_3 
_pdbx_validate_rmsd_angle.auth_comp_id_3 
_pdbx_validate_rmsd_angle.auth_seq_id_3 
_pdbx_validate_rmsd_angle.PDB_ins_code_3 
_pdbx_validate_rmsd_angle.label_alt_id_3 
_pdbx_validate_rmsd_angle.angle_value 
_pdbx_validate_rmsd_angle.angle_target_value 
_pdbx_validate_rmsd_angle.angle_deviation 
_pdbx_validate_rmsd_angle.angle_standard_deviation 
_pdbx_validate_rmsd_angle.linker_flag 
1  1 "O5'" A DC 1  ? ? "C5'" A DC  1  ? ? "C4'" A DC  1  ? ? 104.58 109.40 -4.82 0.80 N 
2  1 "O5'" A DA 2  ? ? "C5'" A DA  2  ? ? "C4'" A DA  2  ? ? 101.26 109.40 -8.14 0.80 N 
3  1 "O4'" A DA 2  ? ? "C1'" A DA  2  ? ? N9    A DA  2  ? ? 102.93 108.00 -5.07 0.70 N 
4  1 N1    A DC 3  ? ? C2    A DC  3  ? ? O2    A DC  3  ? ? 114.84 118.90 -4.06 0.60 N 
5  1 N3    A DC 3  ? ? C2    A DC  3  ? ? O2    A DC  3  ? ? 126.48 121.90 4.58  0.70 N 
6  1 C2    A DG 4  ? ? N3    A DG  4  ? ? C4    A DG  4  ? ? 114.92 111.90 3.02  0.50 N 
7  1 N7    A DG 4  ? ? C8    A DG  4  ? ? N9    A DG  4  ? ? 116.16 113.10 3.06  0.50 N 
8  1 "O4'" A DG 6  ? ? "C1'" A DG  6  ? ? N9    A DG  6  ? ? 102.31 108.00 -5.69 0.70 N 
9  1 "O4'" B DC 7  ? ? "C1'" B DC  7  ? ? "C2'" B DC  7  ? ? 100.50 105.90 -5.40 0.80 N 
10 1 C5    B DC 7  ? ? C6    B DC  7  ? ? N1    B DC  7  ? ? 124.57 121.00 3.57  0.50 N 
11 1 "O4'" B DA 8  ? ? "C4'" B DA  8  ? ? "C3'" B DA  8  ? ? 100.34 104.50 -4.16 0.40 N 
12 1 "O4'" B DA 8  ? ? "C1'" B DA  8  ? ? N9    B DA  8  ? ? 101.70 108.00 -6.30 0.70 N 
13 1 N1    B DA 8  ? ? C6    B DA  8  ? ? N6    B DA  8  ? ? 122.83 118.60 4.23  0.60 N 
14 1 P     B DC 9  ? ? "O5'" B DC  9  ? ? "C5'" B DC  9  ? ? 131.87 120.90 10.97 1.60 N 
15 1 "O4'" B DG 10 ? ? "C1'" B DG  10 ? ? N9    B DG  10 ? ? 102.95 108.00 -5.05 0.70 N 
16 1 C2    B DG 10 ? ? N3    B DG  10 ? ? C4    B DG  10 ? ? 115.29 111.90 3.39  0.50 N 
17 1 N3    B DG 10 ? ? C2    B DG  10 ? ? N2    B DG  10 ? ? 124.31 119.90 4.41  0.70 N 
18 1 "C3'" B DG 10 ? ? "O3'" B DG  10 ? ? P     B 5IU 11 ? ? 127.95 119.70 8.25  1.20 Y 
19 1 "O3'" B DG 10 ? ? P     B 5IU 11 ? ? OP2   B 5IU 11 ? ? 118.03 110.50 7.53  1.10 Y 
20 1 "O4'" B DG 12 ? ? "C1'" B DG  12 ? ? N9    B DG  12 ? ? 103.16 108.00 -4.84 0.70 N 
21 1 C6    B DG 12 ? ? N1    B DG  12 ? ? C2    B DG  12 ? ? 119.47 125.10 -5.63 0.60 N 
22 1 N3    B DG 12 ? ? C4    B DG  12 ? ? C5    B DG  12 ? ? 125.24 128.60 -3.36 0.50 N 
23 1 C5    B DG 12 ? ? C6    B DG  12 ? ? N1    B DG  12 ? ? 115.15 111.50 3.65  0.50 N 
# 
loop_
_pdbx_struct_mod_residue.id 
_pdbx_struct_mod_residue.label_asym_id 
_pdbx_struct_mod_residue.label_comp_id 
_pdbx_struct_mod_residue.label_seq_id 
_pdbx_struct_mod_residue.auth_asym_id 
_pdbx_struct_mod_residue.auth_comp_id 
_pdbx_struct_mod_residue.auth_seq_id 
_pdbx_struct_mod_residue.PDB_ins_code 
_pdbx_struct_mod_residue.parent_comp_id 
_pdbx_struct_mod_residue.details 
1 A 5IU 5 A 5IU 5  ? DU "5-IODO-2'-DEOXYURIDINE-5'-MONOPHOSPHATE" 
2 B 5IU 5 B 5IU 11 ? DU "5-IODO-2'-DEOXYURIDINE-5'-MONOPHOSPHATE" 
# 
loop_
_chem_comp_atom.comp_id 
_chem_comp_atom.atom_id 
_chem_comp_atom.type_symbol 
_chem_comp_atom.pdbx_aromatic_flag 
_chem_comp_atom.pdbx_stereo_config 
_chem_comp_atom.pdbx_ordinal 
5IU N1     N  N N 1   
5IU C2     C  N N 2   
5IU N3     N  N N 3   
5IU C4     C  N N 4   
5IU C5     C  N N 5   
5IU C6     C  N N 6   
5IU O2     O  N N 7   
5IU O4     O  N N 8   
5IU I5     I  N N 9   
5IU "C1'"  C  N R 10  
5IU "C2'"  C  N N 11  
5IU "C3'"  C  N S 12  
5IU "C4'"  C  N R 13  
5IU "O3'"  O  N N 14  
5IU "O4'"  O  N N 15  
5IU "C5'"  C  N N 16  
5IU "O5'"  O  N N 17  
5IU P      P  N N 18  
5IU OP1    O  N N 19  
5IU OP2    O  N N 20  
5IU OP3    O  N N 21  
5IU HN3    H  N N 22  
5IU H6     H  N N 23  
5IU "H1'"  H  N N 24  
5IU "H2'"  H  N N 25  
5IU "H2''" H  N N 26  
5IU "H3'"  H  N N 27  
5IU "H4'"  H  N N 28  
5IU "HO3'" H  N N 29  
5IU "H5'"  H  N N 30  
5IU "H5''" H  N N 31  
5IU HOP2   H  N N 32  
5IU HOP3   H  N N 33  
DA  OP3    O  N N 34  
DA  P      P  N N 35  
DA  OP1    O  N N 36  
DA  OP2    O  N N 37  
DA  "O5'"  O  N N 38  
DA  "C5'"  C  N N 39  
DA  "C4'"  C  N R 40  
DA  "O4'"  O  N N 41  
DA  "C3'"  C  N S 42  
DA  "O3'"  O  N N 43  
DA  "C2'"  C  N N 44  
DA  "C1'"  C  N R 45  
DA  N9     N  Y N 46  
DA  C8     C  Y N 47  
DA  N7     N  Y N 48  
DA  C5     C  Y N 49  
DA  C6     C  Y N 50  
DA  N6     N  N N 51  
DA  N1     N  Y N 52  
DA  C2     C  Y N 53  
DA  N3     N  Y N 54  
DA  C4     C  Y N 55  
DA  HOP3   H  N N 56  
DA  HOP2   H  N N 57  
DA  "H5'"  H  N N 58  
DA  "H5''" H  N N 59  
DA  "H4'"  H  N N 60  
DA  "H3'"  H  N N 61  
DA  "HO3'" H  N N 62  
DA  "H2'"  H  N N 63  
DA  "H2''" H  N N 64  
DA  "H1'"  H  N N 65  
DA  H8     H  N N 66  
DA  H61    H  N N 67  
DA  H62    H  N N 68  
DA  H2     H  N N 69  
DC  OP3    O  N N 70  
DC  P      P  N N 71  
DC  OP1    O  N N 72  
DC  OP2    O  N N 73  
DC  "O5'"  O  N N 74  
DC  "C5'"  C  N N 75  
DC  "C4'"  C  N R 76  
DC  "O4'"  O  N N 77  
DC  "C3'"  C  N S 78  
DC  "O3'"  O  N N 79  
DC  "C2'"  C  N N 80  
DC  "C1'"  C  N R 81  
DC  N1     N  N N 82  
DC  C2     C  N N 83  
DC  O2     O  N N 84  
DC  N3     N  N N 85  
DC  C4     C  N N 86  
DC  N4     N  N N 87  
DC  C5     C  N N 88  
DC  C6     C  N N 89  
DC  HOP3   H  N N 90  
DC  HOP2   H  N N 91  
DC  "H5'"  H  N N 92  
DC  "H5''" H  N N 93  
DC  "H4'"  H  N N 94  
DC  "H3'"  H  N N 95  
DC  "HO3'" H  N N 96  
DC  "H2'"  H  N N 97  
DC  "H2''" H  N N 98  
DC  "H1'"  H  N N 99  
DC  H41    H  N N 100 
DC  H42    H  N N 101 
DC  H5     H  N N 102 
DC  H6     H  N N 103 
DG  OP3    O  N N 104 
DG  P      P  N N 105 
DG  OP1    O  N N 106 
DG  OP2    O  N N 107 
DG  "O5'"  O  N N 108 
DG  "C5'"  C  N N 109 
DG  "C4'"  C  N R 110 
DG  "O4'"  O  N N 111 
DG  "C3'"  C  N S 112 
DG  "O3'"  O  N N 113 
DG  "C2'"  C  N N 114 
DG  "C1'"  C  N R 115 
DG  N9     N  Y N 116 
DG  C8     C  Y N 117 
DG  N7     N  Y N 118 
DG  C5     C  Y N 119 
DG  C6     C  N N 120 
DG  O6     O  N N 121 
DG  N1     N  N N 122 
DG  C2     C  N N 123 
DG  N2     N  N N 124 
DG  N3     N  N N 125 
DG  C4     C  Y N 126 
DG  HOP3   H  N N 127 
DG  HOP2   H  N N 128 
DG  "H5'"  H  N N 129 
DG  "H5''" H  N N 130 
DG  "H4'"  H  N N 131 
DG  "H3'"  H  N N 132 
DG  "HO3'" H  N N 133 
DG  "H2'"  H  N N 134 
DG  "H2''" H  N N 135 
DG  "H1'"  H  N N 136 
DG  H8     H  N N 137 
DG  H1     H  N N 138 
DG  H21    H  N N 139 
DG  H22    H  N N 140 
HOH O      O  N N 141 
HOH H1     H  N N 142 
HOH H2     H  N N 143 
NCO CO     CO N N 144 
NCO N1     N  N N 145 
NCO N2     N  N N 146 
NCO N3     N  N N 147 
NCO N4     N  N N 148 
NCO N5     N  N N 149 
NCO N6     N  N N 150 
NCO HN11   H  N N 151 
NCO HN12   H  N N 152 
NCO HN13   H  N N 153 
NCO HN21   H  N N 154 
NCO HN22   H  N N 155 
NCO HN23   H  N N 156 
NCO HN31   H  N N 157 
NCO HN32   H  N N 158 
NCO HN33   H  N N 159 
NCO HN41   H  N N 160 
NCO HN42   H  N N 161 
NCO HN43   H  N N 162 
NCO HN51   H  N N 163 
NCO HN52   H  N N 164 
NCO HN53   H  N N 165 
NCO HN61   H  N N 166 
NCO HN62   H  N N 167 
NCO HN63   H  N N 168 
# 
loop_
_chem_comp_bond.comp_id 
_chem_comp_bond.atom_id_1 
_chem_comp_bond.atom_id_2 
_chem_comp_bond.value_order 
_chem_comp_bond.pdbx_aromatic_flag 
_chem_comp_bond.pdbx_stereo_config 
_chem_comp_bond.pdbx_ordinal 
5IU N1    C2     sing N N 1   
5IU N1    C6     sing N N 2   
5IU N1    "C1'"  sing N N 3   
5IU C2    N3     sing N N 4   
5IU C2    O2     doub N N 5   
5IU N3    C4     sing N N 6   
5IU N3    HN3    sing N N 7   
5IU C4    C5     sing N N 8   
5IU C4    O4     doub N N 9   
5IU C5    C6     doub N N 10  
5IU C5    I5     sing N N 11  
5IU C6    H6     sing N N 12  
5IU "C1'" "C2'"  sing N N 13  
5IU "C1'" "O4'"  sing N N 14  
5IU "C1'" "H1'"  sing N N 15  
5IU "C2'" "C3'"  sing N N 16  
5IU "C2'" "H2'"  sing N N 17  
5IU "C2'" "H2''" sing N N 18  
5IU "C3'" "C4'"  sing N N 19  
5IU "C3'" "O3'"  sing N N 20  
5IU "C3'" "H3'"  sing N N 21  
5IU "C4'" "O4'"  sing N N 22  
5IU "C4'" "C5'"  sing N N 23  
5IU "C4'" "H4'"  sing N N 24  
5IU "O3'" "HO3'" sing N N 25  
5IU "C5'" "O5'"  sing N N 26  
5IU "C5'" "H5'"  sing N N 27  
5IU "C5'" "H5''" sing N N 28  
5IU "O5'" P      sing N N 29  
5IU P     OP1    doub N N 30  
5IU P     OP2    sing N N 31  
5IU P     OP3    sing N N 32  
5IU OP2   HOP2   sing N N 33  
5IU OP3   HOP3   sing N N 34  
DA  OP3   P      sing N N 35  
DA  OP3   HOP3   sing N N 36  
DA  P     OP1    doub N N 37  
DA  P     OP2    sing N N 38  
DA  P     "O5'"  sing N N 39  
DA  OP2   HOP2   sing N N 40  
DA  "O5'" "C5'"  sing N N 41  
DA  "C5'" "C4'"  sing N N 42  
DA  "C5'" "H5'"  sing N N 43  
DA  "C5'" "H5''" sing N N 44  
DA  "C4'" "O4'"  sing N N 45  
DA  "C4'" "C3'"  sing N N 46  
DA  "C4'" "H4'"  sing N N 47  
DA  "O4'" "C1'"  sing N N 48  
DA  "C3'" "O3'"  sing N N 49  
DA  "C3'" "C2'"  sing N N 50  
DA  "C3'" "H3'"  sing N N 51  
DA  "O3'" "HO3'" sing N N 52  
DA  "C2'" "C1'"  sing N N 53  
DA  "C2'" "H2'"  sing N N 54  
DA  "C2'" "H2''" sing N N 55  
DA  "C1'" N9     sing N N 56  
DA  "C1'" "H1'"  sing N N 57  
DA  N9    C8     sing Y N 58  
DA  N9    C4     sing Y N 59  
DA  C8    N7     doub Y N 60  
DA  C8    H8     sing N N 61  
DA  N7    C5     sing Y N 62  
DA  C5    C6     sing Y N 63  
DA  C5    C4     doub Y N 64  
DA  C6    N6     sing N N 65  
DA  C6    N1     doub Y N 66  
DA  N6    H61    sing N N 67  
DA  N6    H62    sing N N 68  
DA  N1    C2     sing Y N 69  
DA  C2    N3     doub Y N 70  
DA  C2    H2     sing N N 71  
DA  N3    C4     sing Y N 72  
DC  OP3   P      sing N N 73  
DC  OP3   HOP3   sing N N 74  
DC  P     OP1    doub N N 75  
DC  P     OP2    sing N N 76  
DC  P     "O5'"  sing N N 77  
DC  OP2   HOP2   sing N N 78  
DC  "O5'" "C5'"  sing N N 79  
DC  "C5'" "C4'"  sing N N 80  
DC  "C5'" "H5'"  sing N N 81  
DC  "C5'" "H5''" sing N N 82  
DC  "C4'" "O4'"  sing N N 83  
DC  "C4'" "C3'"  sing N N 84  
DC  "C4'" "H4'"  sing N N 85  
DC  "O4'" "C1'"  sing N N 86  
DC  "C3'" "O3'"  sing N N 87  
DC  "C3'" "C2'"  sing N N 88  
DC  "C3'" "H3'"  sing N N 89  
DC  "O3'" "HO3'" sing N N 90  
DC  "C2'" "C1'"  sing N N 91  
DC  "C2'" "H2'"  sing N N 92  
DC  "C2'" "H2''" sing N N 93  
DC  "C1'" N1     sing N N 94  
DC  "C1'" "H1'"  sing N N 95  
DC  N1    C2     sing N N 96  
DC  N1    C6     sing N N 97  
DC  C2    O2     doub N N 98  
DC  C2    N3     sing N N 99  
DC  N3    C4     doub N N 100 
DC  C4    N4     sing N N 101 
DC  C4    C5     sing N N 102 
DC  N4    H41    sing N N 103 
DC  N4    H42    sing N N 104 
DC  C5    C6     doub N N 105 
DC  C5    H5     sing N N 106 
DC  C6    H6     sing N N 107 
DG  OP3   P      sing N N 108 
DG  OP3   HOP3   sing N N 109 
DG  P     OP1    doub N N 110 
DG  P     OP2    sing N N 111 
DG  P     "O5'"  sing N N 112 
DG  OP2   HOP2   sing N N 113 
DG  "O5'" "C5'"  sing N N 114 
DG  "C5'" "C4'"  sing N N 115 
DG  "C5'" "H5'"  sing N N 116 
DG  "C5'" "H5''" sing N N 117 
DG  "C4'" "O4'"  sing N N 118 
DG  "C4'" "C3'"  sing N N 119 
DG  "C4'" "H4'"  sing N N 120 
DG  "O4'" "C1'"  sing N N 121 
DG  "C3'" "O3'"  sing N N 122 
DG  "C3'" "C2'"  sing N N 123 
DG  "C3'" "H3'"  sing N N 124 
DG  "O3'" "HO3'" sing N N 125 
DG  "C2'" "C1'"  sing N N 126 
DG  "C2'" "H2'"  sing N N 127 
DG  "C2'" "H2''" sing N N 128 
DG  "C1'" N9     sing N N 129 
DG  "C1'" "H1'"  sing N N 130 
DG  N9    C8     sing Y N 131 
DG  N9    C4     sing Y N 132 
DG  C8    N7     doub Y N 133 
DG  C8    H8     sing N N 134 
DG  N7    C5     sing Y N 135 
DG  C5    C6     sing N N 136 
DG  C5    C4     doub Y N 137 
DG  C6    O6     doub N N 138 
DG  C6    N1     sing N N 139 
DG  N1    C2     sing N N 140 
DG  N1    H1     sing N N 141 
DG  C2    N2     sing N N 142 
DG  C2    N3     doub N N 143 
DG  N2    H21    sing N N 144 
DG  N2    H22    sing N N 145 
DG  N3    C4     sing N N 146 
HOH O     H1     sing N N 147 
HOH O     H2     sing N N 148 
NCO CO    N1     sing N N 149 
NCO CO    N2     sing N N 150 
NCO CO    N3     sing N N 151 
NCO CO    N4     sing N N 152 
NCO CO    N5     sing N N 153 
NCO CO    N6     sing N N 154 
NCO N1    HN11   sing N N 155 
NCO N1    HN12   sing N N 156 
NCO N1    HN13   sing N N 157 
NCO N2    HN21   sing N N 158 
NCO N2    HN22   sing N N 159 
NCO N2    HN23   sing N N 160 
NCO N3    HN31   sing N N 161 
NCO N3    HN32   sing N N 162 
NCO N3    HN33   sing N N 163 
NCO N4    HN41   sing N N 164 
NCO N4    HN42   sing N N 165 
NCO N4    HN43   sing N N 166 
NCO N5    HN51   sing N N 167 
NCO N5    HN52   sing N N 168 
NCO N5    HN53   sing N N 169 
NCO N6    HN61   sing N N 170 
NCO N6    HN62   sing N N 171 
NCO N6    HN63   sing N N 172 
# 
_ndb_struct_conf_na.entry_id   1OMK 
_ndb_struct_conf_na.feature    'z-form double helix' 
# 
loop_
_ndb_struct_na_base_pair.model_number 
_ndb_struct_na_base_pair.i_label_asym_id 
_ndb_struct_na_base_pair.i_label_comp_id 
_ndb_struct_na_base_pair.i_label_seq_id 
_ndb_struct_na_base_pair.i_symmetry 
_ndb_struct_na_base_pair.j_label_asym_id 
_ndb_struct_na_base_pair.j_label_comp_id 
_ndb_struct_na_base_pair.j_label_seq_id 
_ndb_struct_na_base_pair.j_symmetry 
_ndb_struct_na_base_pair.shear 
_ndb_struct_na_base_pair.stretch 
_ndb_struct_na_base_pair.stagger 
_ndb_struct_na_base_pair.buckle 
_ndb_struct_na_base_pair.propeller 
_ndb_struct_na_base_pair.opening 
_ndb_struct_na_base_pair.pair_number 
_ndb_struct_na_base_pair.pair_name 
_ndb_struct_na_base_pair.i_auth_asym_id 
_ndb_struct_na_base_pair.i_auth_seq_id 
_ndb_struct_na_base_pair.i_PDB_ins_code 
_ndb_struct_na_base_pair.j_auth_asym_id 
_ndb_struct_na_base_pair.j_auth_seq_id 
_ndb_struct_na_base_pair.j_PDB_ins_code 
_ndb_struct_na_base_pair.hbond_type_28 
_ndb_struct_na_base_pair.hbond_type_12 
1 A DC  1 1_555 B DG  6 1_555 -0.241 -0.135 0.334  7.594  8.691  0.421  1 A_DC1:DG12_B  A 1 ? B 12 ? 19 1 
1 A DA  2 1_555 B 5IU 5 1_555 0.342  -0.289 0.147  -8.547 2.578  -1.784 2 A_DA2:5IU11_B A 2 ? B 11 ? 20 1 
1 A DC  3 1_555 B DG  4 1_555 -0.290 -0.191 0.214  1.492  2.474  1.479  3 A_DC3:DG10_B  A 3 ? B 10 ? 19 1 
1 A DG  4 1_555 B DC  3 1_555 0.305  -0.167 0.068  -4.181 1.754  0.383  4 A_DG4:DC9_B   A 4 ? B 9  ? 19 1 
1 A 5IU 5 1_555 B DA  2 1_555 -0.094 -0.134 -0.209 -3.893 1.599  -0.413 5 A_5IU5:DA8_B  A 5 ? B 8  ? 20 1 
1 A DG  6 1_555 B DC  1 1_555 0.283  -0.162 0.086  2.572  -2.664 0.707  6 A_DG6:DC7_B   A 6 ? B 7  ? 19 1 
# 
loop_
_ndb_struct_na_base_pair_step.model_number 
_ndb_struct_na_base_pair_step.i_label_asym_id_1 
_ndb_struct_na_base_pair_step.i_label_comp_id_1 
_ndb_struct_na_base_pair_step.i_label_seq_id_1 
_ndb_struct_na_base_pair_step.i_symmetry_1 
_ndb_struct_na_base_pair_step.j_label_asym_id_1 
_ndb_struct_na_base_pair_step.j_label_comp_id_1 
_ndb_struct_na_base_pair_step.j_label_seq_id_1 
_ndb_struct_na_base_pair_step.j_symmetry_1 
_ndb_struct_na_base_pair_step.i_label_asym_id_2 
_ndb_struct_na_base_pair_step.i_label_comp_id_2 
_ndb_struct_na_base_pair_step.i_label_seq_id_2 
_ndb_struct_na_base_pair_step.i_symmetry_2 
_ndb_struct_na_base_pair_step.j_label_asym_id_2 
_ndb_struct_na_base_pair_step.j_label_comp_id_2 
_ndb_struct_na_base_pair_step.j_label_seq_id_2 
_ndb_struct_na_base_pair_step.j_symmetry_2 
_ndb_struct_na_base_pair_step.shift 
_ndb_struct_na_base_pair_step.slide 
_ndb_struct_na_base_pair_step.rise 
_ndb_struct_na_base_pair_step.tilt 
_ndb_struct_na_base_pair_step.roll 
_ndb_struct_na_base_pair_step.twist 
_ndb_struct_na_base_pair_step.x_displacement 
_ndb_struct_na_base_pair_step.y_displacement 
_ndb_struct_na_base_pair_step.helical_rise 
_ndb_struct_na_base_pair_step.inclination 
_ndb_struct_na_base_pair_step.tip 
_ndb_struct_na_base_pair_step.helical_twist 
_ndb_struct_na_base_pair_step.step_number 
_ndb_struct_na_base_pair_step.step_name 
_ndb_struct_na_base_pair_step.i_auth_asym_id_1 
_ndb_struct_na_base_pair_step.i_auth_seq_id_1 
_ndb_struct_na_base_pair_step.i_PDB_ins_code_1 
_ndb_struct_na_base_pair_step.j_auth_asym_id_1 
_ndb_struct_na_base_pair_step.j_auth_seq_id_1 
_ndb_struct_na_base_pair_step.j_PDB_ins_code_1 
_ndb_struct_na_base_pair_step.i_auth_asym_id_2 
_ndb_struct_na_base_pair_step.i_auth_seq_id_2 
_ndb_struct_na_base_pair_step.i_PDB_ins_code_2 
_ndb_struct_na_base_pair_step.j_auth_asym_id_2 
_ndb_struct_na_base_pair_step.j_auth_seq_id_2 
_ndb_struct_na_base_pair_step.j_PDB_ins_code_2 
1 A DC  1 1_555 B DG  6 1_555 A DA  2 1_555 B 5IU 5 1_555 -0.290 5.670  4.055 2.058  4.218  -14.200 -25.305 0.600  2.301 -16.486 
8.044   -14.951 1 AA_DC1DA2:5IU11DG12_BB A 1 ? B 12 ? A 2 ? B 11 ? 
1 A DA  2 1_555 B 5IU 5 1_555 A DC  3 1_555 B DG  4 1_555 0.344  -0.686 3.213 -2.123 -0.914 -49.208 0.891   0.257  3.211 1.097   
-2.547  -49.259 2 AA_DA2DC3:DG105IU11_BB A 2 ? B 11 ? A 3 ? B 10 ? 
1 A DC  3 1_555 B DG  4 1_555 A DG  4 1_555 B DC  3 1_555 -0.037 5.215  3.615 0.431  -0.776 -9.811  -28.620 0.755  4.012 4.527   
2.514   -9.851  3 AA_DC3DG4:DC9DG10_BB   A 3 ? B 10 ? A 4 ? B 9  ? 
1 A DG  4 1_555 B DC  3 1_555 A 5IU 5 1_555 B DA  2 1_555 0.282  -1.796 3.395 4.515  -2.591 -42.674 2.712   0.840  3.241 3.545   
6.177   -42.976 4 AA_DG45IU5:DA8DC9_BB   A 4 ? B 9  ? A 5 ? B 8  ? 
1 A 5IU 5 1_555 B DA  2 1_555 A DG  6 1_555 B DC  1 1_555 -0.106 5.326  3.176 -3.406 -1.123 -11.836 -23.293 -4.833 3.494 5.291   
-16.042 -12.366 5 AA_5IU5DG6:DC7DA8_BB   A 5 ? B 8  ? A 6 ? B 7  ? 
# 
_pdbx_initial_refinement_model.accession_code   242D 
_pdbx_initial_refinement_model.id               1 
_pdbx_initial_refinement_model.entity_id_list   ? 
_pdbx_initial_refinement_model.type             'experimental model' 
_pdbx_initial_refinement_model.source_name      PDB 
_pdbx_initial_refinement_model.details          'NDB ENTRY ZDFB51' 
# 
_atom_sites.entry_id                    1OMK 
_atom_sites.fract_transf_matrix[1][1]   -0.04856397 
_atom_sites.fract_transf_matrix[1][2]   0.00208570 
_atom_sites.fract_transf_matrix[1][3]   0.02590573 
_atom_sites.fract_transf_matrix[2][1]   -0.01291025 
_atom_sites.fract_transf_matrix[2][2]   0.01697597 
_atom_sites.fract_transf_matrix[2][3]   -0.02556884 
_atom_sites.fract_transf_matrix[3][1]   -0.00640344 
_atom_sites.fract_transf_matrix[3][2]   -0.02046817 
_atom_sites.fract_transf_matrix[3][3]   -0.01035624 
_atom_sites.fract_transf_vector[1]      0.280251 
_atom_sites.fract_transf_vector[2]      0.496333 
_atom_sites.fract_transf_vector[3]      0.057625 
# 
loop_
_atom_type.symbol 
C  
CO 
I  
N  
O  
P  
# 
loop_
_atom_site.group_PDB 
_atom_site.id 
_atom_site.type_symbol 
_atom_site.label_atom_id 
_atom_site.label_alt_id 
_atom_site.label_comp_id 
_atom_site.label_asym_id 
_atom_site.label_entity_id 
_atom_site.label_seq_id 
_atom_site.pdbx_PDB_ins_code 
_atom_site.Cartn_x 
_atom_site.Cartn_y 
_atom_site.Cartn_z 
_atom_site.occupancy 
_atom_site.B_iso_or_equiv 
_atom_site.pdbx_formal_charge 
_atom_site.auth_seq_id 
_atom_site.auth_comp_id 
_atom_site.auth_asym_id 
_atom_site.auth_atom_id 
_atom_site.pdbx_PDB_model_num 
ATOM   1   O  "O5'" . DC  A 1 1 ? -5.297  -10.383 1.070   1.00 25.37 ? 1   DC  A "O5'" 1 
ATOM   2   C  "C5'" . DC  A 1 1 ? -5.731  -8.987  1.135   1.00 21.97 ? 1   DC  A "C5'" 1 
ATOM   3   C  "C4'" . DC  A 1 1 ? -5.332  -8.407  -0.187  1.00 18.00 ? 1   DC  A "C4'" 1 
ATOM   4   O  "O4'" . DC  A 1 1 ? -3.916  -8.198  -0.246  1.00 15.82 ? 1   DC  A "O4'" 1 
ATOM   5   C  "C3'" . DC  A 1 1 ? -5.734  -9.126  -1.436  1.00 16.84 ? 1   DC  A "C3'" 1 
ATOM   6   O  "O3'" . DC  A 1 1 ? -6.279  -8.264  -2.451  1.00 19.96 ? 1   DC  A "O3'" 1 
ATOM   7   C  "C2'" . DC  A 1 1 ? -4.400  -9.707  -1.959  1.00 15.45 ? 1   DC  A "C2'" 1 
ATOM   8   C  "C1'" . DC  A 1 1 ? -3.426  -8.596  -1.518  1.00 15.87 ? 1   DC  A "C1'" 1 
ATOM   9   N  N1    . DC  A 1 1 ? -2.079  -9.142  -1.330  1.00 12.85 ? 1   DC  A N1    1 
ATOM   10  C  C2    . DC  A 1 1 ? -1.181  -8.997  -2.415  1.00 12.90 ? 1   DC  A C2    1 
ATOM   11  O  O2    . DC  A 1 1 ? -1.605  -8.415  -3.423  1.00 13.82 ? 1   DC  A O2    1 
ATOM   12  N  N3    . DC  A 1 1 ? 0.047   -9.497  -2.255  1.00 13.29 ? 1   DC  A N3    1 
ATOM   13  C  C4    . DC  A 1 1 ? 0.440   -10.128 -1.128  1.00 13.11 ? 1   DC  A C4    1 
ATOM   14  N  N4    . DC  A 1 1 ? 1.684   -10.584 -1.069  1.00 14.56 ? 1   DC  A N4    1 
ATOM   15  C  C5    . DC  A 1 1 ? -0.438  -10.283 -0.029  1.00 13.33 ? 1   DC  A C5    1 
ATOM   16  C  C6    . DC  A 1 1 ? -1.673  -9.787  -0.195  1.00 15.61 ? 1   DC  A C6    1 
ATOM   17  P  P     . DA  A 1 2 ? -7.861  -8.086  -2.641  1.00 25.14 ? 2   DA  A P     1 
ATOM   18  O  OP1   . DA  A 1 2 ? -8.575  -9.357  -2.295  1.00 26.46 ? 2   DA  A OP1   1 
ATOM   19  O  OP2   . DA  A 1 2 ? -8.037  -7.581  -3.993  1.00 40.15 ? 2   DA  A OP2   1 
ATOM   20  O  "O5'" . DA  A 1 2 ? -8.295  -7.040  -1.526  1.00 19.87 ? 2   DA  A "O5'" 1 
ATOM   21  C  "C5'" . DA  A 1 2 ? -7.637  -5.765  -1.510  1.00 17.74 ? 2   DA  A "C5'" 1 
ATOM   22  C  "C4'" . DA  A 1 2 ? -8.046  -5.239  -0.149  1.00 15.27 ? 2   DA  A "C4'" 1 
ATOM   23  O  "O4'" . DA  A 1 2 ? -7.466  -6.014  0.890   1.00 14.69 ? 2   DA  A "O4'" 1 
ATOM   24  C  "C3'" . DA  A 1 2 ? -7.495  -3.816  0.034   1.00 12.71 ? 2   DA  A "C3'" 1 
ATOM   25  O  "O3'" . DA  A 1 2 ? -8.582  -2.935  -0.370  1.00 13.61 ? 2   DA  A "O3'" 1 
ATOM   26  C  "C2'" . DA  A 1 2 ? -7.230  -3.728  1.511   1.00 15.74 ? 2   DA  A "C2'" 1 
ATOM   27  C  "C1'" . DA  A 1 2 ? -7.101  -5.139  1.978   1.00 14.63 ? 2   DA  A "C1'" 1 
ATOM   28  N  N9    . DA  A 1 2 ? -5.826  -5.637  2.376   1.00 15.16 ? 2   DA  A N9    1 
ATOM   29  C  C8    . DA  A 1 2 ? -5.658  -6.258  3.598   1.00 18.52 ? 2   DA  A C8    1 
ATOM   30  N  N7    . DA  A 1 2 ? -4.428  -6.669  3.805   1.00 20.14 ? 2   DA  A N7    1 
ATOM   31  C  C5    . DA  A 1 2 ? -3.764  -6.298  2.668   1.00 14.43 ? 2   DA  A C5    1 
ATOM   32  C  C6    . DA  A 1 2 ? -2.426  -6.455  2.278   1.00 19.90 ? 2   DA  A C6    1 
ATOM   33  N  N6    . DA  A 1 2 ? -1.517  -7.053  3.068   1.00 25.46 ? 2   DA  A N6    1 
ATOM   34  N  N1    . DA  A 1 2 ? -2.074  -5.980  1.087   1.00 17.72 ? 2   DA  A N1    1 
ATOM   35  C  C2    . DA  A 1 2 ? -2.977  -5.380  0.287   1.00 16.98 ? 2   DA  A C2    1 
ATOM   36  N  N3    . DA  A 1 2 ? -4.284  -5.182  0.558   1.00 16.21 ? 2   DA  A N3    1 
ATOM   37  C  C4    . DA  A 1 2 ? -4.594  -5.664  1.769   1.00 13.35 ? 2   DA  A C4    1 
ATOM   38  P  P     . DC  A 1 3 ? -8.437  -1.381  -0.382  1.00 14.27 ? 3   DC  A P     1 
ATOM   39  O  OP1   . DC  A 1 3 ? -8.230  -0.844  1.001   1.00 14.88 ? 3   DC  A OP1   1 
ATOM   40  O  OP2   . DC  A 1 3 ? -9.682  -0.871  -1.020  1.00 16.34 ? 3   DC  A OP2   1 
ATOM   41  O  "O5'" . DC  A 1 3 ? -7.146  -1.197  -1.314  1.00 12.13 ? 3   DC  A "O5'" 1 
ATOM   42  C  "C5'" . DC  A 1 3 ? -6.849  0.176   -1.731  1.00 11.76 ? 3   DC  A "C5'" 1 
ATOM   43  C  "C4'" . DC  A 1 3 ? -5.375  0.273   -1.973  1.00 9.93  ? 3   DC  A "C4'" 1 
ATOM   44  O  "O4'" . DC  A 1 3 ? -4.628  0.119   -0.738  1.00 10.52 ? 3   DC  A "O4'" 1 
ATOM   45  C  "C3'" . DC  A 1 3 ? -4.817  -0.751  -2.935  1.00 12.01 ? 3   DC  A "C3'" 1 
ATOM   46  O  "O3'" . DC  A 1 3 ? -3.775  -0.153  -3.715  1.00 11.57 ? 3   DC  A "O3'" 1 
ATOM   47  C  "C2'" . DC  A 1 3 ? -4.171  -1.767  -1.965  1.00 11.01 ? 3   DC  A "C2'" 1 
ATOM   48  C  "C1'" . DC  A 1 3 ? -3.558  -0.799  -0.955  1.00 9.99  ? 3   DC  A "C1'" 1 
ATOM   49  N  N1    . DC  A 1 3 ? -3.300  -1.464  0.331   1.00 9.73  ? 3   DC  A N1    1 
ATOM   50  C  C2    . DC  A 1 3 ? -2.005  -1.974  0.519   1.00 11.01 ? 3   DC  A C2    1 
ATOM   51  O  O2    . DC  A 1 3 ? -1.237  -1.799  -0.428  1.00 11.13 ? 3   DC  A O2    1 
ATOM   52  N  N3    . DC  A 1 3 ? -1.712  -2.597  1.695   1.00 9.59  ? 3   DC  A N3    1 
ATOM   53  C  C4    . DC  A 1 3 ? -2.626  -2.747  2.644   1.00 11.69 ? 3   DC  A C4    1 
ATOM   54  N  N4    . DC  A 1 3 ? -2.304  -3.368  3.770   1.00 13.48 ? 3   DC  A N4    1 
ATOM   55  C  C5    . DC  A 1 3 ? -3.948  -2.235  2.469   1.00 12.76 ? 3   DC  A C5    1 
ATOM   56  C  C6    . DC  A 1 3 ? -4.227  -1.620  1.323   1.00 10.20 ? 3   DC  A C6    1 
ATOM   57  P  P     . DG  A 1 4 ? -4.027  0.374   -5.187  1.00 14.41 ? 4   DG  A P     1 
ATOM   58  O  OP1   . DG  A 1 4 ? -5.015  -0.401  -5.919  1.00 12.57 ? 4   DG  A OP1   1 
ATOM   59  O  OP2   . DG  A 1 4 ? -2.621  0.523   -5.696  1.00 16.59 ? 4   DG  A OP2   1 
ATOM   60  O  "O5'" . DG  A 1 4 ? -4.727  1.806   -4.986  1.00 12.10 ? 4   DG  A "O5'" 1 
ATOM   61  C  "C5'" . DG  A 1 4 ? -3.922  2.848   -4.402  1.00 8.64  ? 4   DG  A "C5'" 1 
ATOM   62  C  "C4'" . DG  A 1 4 ? -4.904  3.916   -4.016  1.00 11.51 ? 4   DG  A "C4'" 1 
ATOM   63  O  "O4'" . DG  A 1 4 ? -5.837  3.422   -3.051  1.00 10.84 ? 4   DG  A "O4'" 1 
ATOM   64  C  "C3'" . DG  A 1 4 ? -4.202  5.095   -3.355  1.00 11.14 ? 4   DG  A "C3'" 1 
ATOM   65  O  "O3'" . DG  A 1 4 ? -3.988  6.072   -4.406  1.00 12.01 ? 4   DG  A "O3'" 1 
ATOM   66  C  "C2'" . DG  A 1 4 ? -5.302  5.624   -2.426  1.00 11.05 ? 4   DG  A "C2'" 1 
ATOM   67  C  "C1'" . DG  A 1 4 ? -6.212  4.455   -2.146  1.00 8.90  ? 4   DG  A "C1'" 1 
ATOM   68  N  N9    . DG  A 1 4 ? -6.105  3.851   -0.859  1.00 8.51  ? 4   DG  A N9    1 
ATOM   69  C  C8    . DG  A 1 4 ? -7.125  3.710   0.050   1.00 11.47 ? 4   DG  A C8    1 
ATOM   70  N  N7    . DG  A 1 4 ? -6.820  3.119   1.166   1.00 10.59 ? 4   DG  A N7    1 
ATOM   71  C  C5    . DG  A 1 4 ? -5.460  2.833   0.990   1.00 10.87 ? 4   DG  A C5    1 
ATOM   72  C  C6    . DG  A 1 4 ? -4.541  2.190   1.853   1.00 8.48  ? 4   DG  A C6    1 
ATOM   73  O  O6    . DG  A 1 4 ? -4.726  1.736   2.971   1.00 10.61 ? 4   DG  A O6    1 
ATOM   74  N  N1    . DG  A 1 4 ? -3.263  2.094   1.299   1.00 8.99  ? 4   DG  A N1    1 
ATOM   75  C  C2    . DG  A 1 4 ? -2.946  2.575   0.035   1.00 9.76  ? 4   DG  A C2    1 
ATOM   76  N  N2    . DG  A 1 4 ? -1.669  2.386   -0.312  1.00 11.33 ? 4   DG  A N2    1 
ATOM   77  N  N3    . DG  A 1 4 ? -3.808  3.169   -0.750  1.00 8.19  ? 4   DG  A N3    1 
ATOM   78  C  C4    . DG  A 1 4 ? -5.032  3.280   -0.252  1.00 7.96  ? 4   DG  A C4    1 
HETATM 79  N  N1    . 5IU A 1 5 ? -0.979  5.703   0.721   1.00 10.27 ? 5   5IU A N1    1 
HETATM 80  C  C2    . 5IU A 1 5 ? -0.553  4.930   1.824   1.00 10.09 ? 5   5IU A C2    1 
HETATM 81  N  N3    . 5IU A 1 5 ? -1.458  4.683   2.772   1.00 10.35 ? 5   5IU A N3    1 
HETATM 82  C  C4    . 5IU A 1 5 ? -2.724  5.133   2.724   1.00 9.98  ? 5   5IU A C4    1 
HETATM 83  C  C5    . 5IU A 1 5 ? -3.131  5.896   1.615   1.00 11.20 ? 5   5IU A C5    1 
HETATM 84  C  C6    . 5IU A 1 5 ? -2.256  6.150   0.647   1.00 9.23  ? 5   5IU A C6    1 
HETATM 85  O  O2    . 5IU A 1 5 ? 0.599   4.521   1.869   1.00 11.09 ? 5   5IU A O2    1 
HETATM 86  O  O4    . 5IU A 1 5 ? -3.484  4.807   3.728   1.00 12.47 ? 5   5IU A O4    1 
HETATM 87  I  I5    . 5IU A 1 5 ? -5.095  6.594   1.521   1.00 12.16 ? 5   5IU A I5    1 
HETATM 88  C  "C1'" . 5IU A 1 5 ? -0.052  5.980   -0.318  1.00 11.45 ? 5   5IU A "C1'" 1 
HETATM 89  C  "C2'" . 5IU A 1 5 ? -0.099  5.011   -1.480  1.00 10.95 ? 5   5IU A "C2'" 1 
HETATM 90  C  "C3'" . 5IU A 1 5 ? 0.593   5.838   -2.558  1.00 11.19 ? 5   5IU A "C3'" 1 
HETATM 91  C  "C4'" . 5IU A 1 5 ? 0.172   7.275   -2.236  1.00 9.78  ? 5   5IU A "C4'" 1 
HETATM 92  O  "O3'" . 5IU A 1 5 ? 2.052   5.831   -2.354  1.00 10.53 ? 5   5IU A "O3'" 1 
HETATM 93  O  "O4'" . 5IU A 1 5 ? -0.448  7.203   -0.925  1.00 11.51 ? 5   5IU A "O4'" 1 
HETATM 94  C  "C5'" . 5IU A 1 5 ? -0.847  7.892   -3.159  1.00 10.15 ? 5   5IU A "C5'" 1 
HETATM 95  O  "O5'" . 5IU A 1 5 ? -1.909  6.935   -3.277  1.00 10.14 ? 5   5IU A "O5'" 1 
HETATM 96  P  P     . 5IU A 1 5 ? -2.562  6.713   -4.699  1.00 13.46 ? 5   5IU A P     1 
HETATM 97  O  OP1   . 5IU A 1 5 ? -2.778  8.050   -5.367  1.00 13.12 ? 5   5IU A OP1   1 
HETATM 98  O  OP2   . 5IU A 1 5 ? -1.773  5.754   -5.499  1.00 19.03 ? 5   5IU A OP2   1 
ATOM   99  P  P     . DG  A 1 6 ? 2.969   5.995   -3.689  1.00 13.62 ? 6   DG  A P     1 
ATOM   100 O  OP1   . DG  A 1 6 ? 2.550   4.994   -4.671  1.00 14.49 ? 6   DG  A OP1   1 
ATOM   101 O  OP2   . DG  A 1 6 ? 4.345   5.886   -3.159  1.00 20.24 ? 6   DG  A OP2   1 
ATOM   102 O  "O5'" . DG  A 1 6 ? 2.687   7.459   -4.211  1.00 10.65 ? 6   DG  A "O5'" 1 
ATOM   103 C  "C5'" . DG  A 1 6 ? 3.438   8.526   -3.566  1.00 11.24 ? 6   DG  A "C5'" 1 
ATOM   104 C  "C4'" . DG  A 1 6 ? 2.901   9.807   -4.133  1.00 12.18 ? 6   DG  A "C4'" 1 
ATOM   105 O  "O4'" . DG  A 1 6 ? 1.514   9.989   -3.776  1.00 10.40 ? 6   DG  A "O4'" 1 
ATOM   106 C  "C3'" . DG  A 1 6 ? 3.595   11.085  -3.747  1.00 13.27 ? 6   DG  A "C3'" 1 
ATOM   107 O  "O3'" . DG  A 1 6 ? 3.671   12.106  -4.748  1.00 13.09 ? 6   DG  A "O3'" 1 
ATOM   108 C  "C2'" . DG  A 1 6 ? 2.757   11.560  -2.550  1.00 12.49 ? 6   DG  A "C2'" 1 
ATOM   109 C  "C1'" . DG  A 1 6 ? 1.373   11.280  -3.104  1.00 12.38 ? 6   DG  A "C1'" 1 
ATOM   110 N  N9    . DG  A 1 6 ? 0.329   11.022  -2.169  1.00 12.74 ? 6   DG  A N9    1 
ATOM   111 C  C8    . DG  A 1 6 ? -0.961  11.460  -2.345  1.00 12.51 ? 6   DG  A C8    1 
ATOM   112 N  N7    . DG  A 1 6 ? -1.791  11.127  -1.383  1.00 13.31 ? 6   DG  A N7    1 
ATOM   113 C  C5    . DG  A 1 6 ? -0.987  10.418  -0.513  1.00 9.98  ? 6   DG  A C5    1 
ATOM   114 C  C6    . DG  A 1 6 ? -1.337  9.808   0.712   1.00 10.82 ? 6   DG  A C6    1 
ATOM   115 O  O6    . DG  A 1 6 ? -2.435  9.759   1.305   1.00 12.32 ? 6   DG  A O6    1 
ATOM   116 N  N1    . DG  A 1 6 ? -0.234  9.211   1.265   1.00 10.58 ? 6   DG  A N1    1 
ATOM   117 C  C2    . DG  A 1 6 ? 1.035   9.174   0.748   1.00 9.04  ? 6   DG  A C2    1 
ATOM   118 N  N2    . DG  A 1 6 ? 1.937   8.532   1.456   1.00 10.90 ? 6   DG  A N2    1 
ATOM   119 N  N3    . DG  A 1 6 ? 1.380   9.742   -0.404  1.00 10.20 ? 6   DG  A N3    1 
ATOM   120 C  C4    . DG  A 1 6 ? 0.329   10.337  -0.971  1.00 10.76 ? 6   DG  A C4    1 
ATOM   121 O  "O5'" . DC  B 1 1 ? 0.380   6.031   9.869   1.00 19.26 ? 7   DC  B "O5'" 1 
ATOM   122 C  "C5'" . DC  B 1 1 ? 0.878   4.715   9.475   1.00 18.30 ? 7   DC  B "C5'" 1 
ATOM   123 C  "C4'" . DC  B 1 1 ? 1.661   4.890   8.211   1.00 16.94 ? 7   DC  B "C4'" 1 
ATOM   124 O  "O4'" . DC  B 1 1 ? 0.784   5.024   7.108   1.00 13.34 ? 7   DC  B "O4'" 1 
ATOM   125 C  "C3'" . DC  B 1 1 ? 2.709   5.970   8.132   1.00 15.37 ? 7   DC  B "C3'" 1 
ATOM   126 O  "O3'" . DC  B 1 1 ? 3.926   5.589   7.477   1.00 16.35 ? 7   DC  B "O3'" 1 
ATOM   127 C  "C2'" . DC  B 1 1 ? 1.941   6.983   7.265   1.00 11.82 ? 7   DC  B "C2'" 1 
ATOM   128 C  "C1'" . DC  B 1 1 ? 1.275   6.025   6.241   1.00 12.83 ? 7   DC  B "C1'" 1 
ATOM   129 N  N1    . DC  B 1 1 ? 0.089   6.680   5.674   1.00 12.15 ? 7   DC  B N1    1 
ATOM   130 C  C2    . DC  B 1 1 ? 0.262   7.276   4.399   1.00 11.69 ? 7   DC  B C2    1 
ATOM   131 O  O2    . DC  B 1 1 ? 1.361   7.227   3.839   1.00 13.09 ? 7   DC  B O2    1 
ATOM   132 N  N3    . DC  B 1 1 ? -0.799  7.897   3.835   1.00 12.02 ? 7   DC  B N3    1 
ATOM   133 C  C4    . DC  B 1 1 ? -1.981  7.949   4.439   1.00 12.39 ? 7   DC  B C4    1 
ATOM   134 N  N4    . DC  B 1 1 ? -2.998  8.570   3.846   1.00 12.48 ? 7   DC  B N4    1 
ATOM   135 C  C5    . DC  B 1 1 ? -2.181  7.348   5.732   1.00 12.42 ? 7   DC  B C5    1 
ATOM   136 C  C6    . DC  B 1 1 ? -1.123  6.757   6.264   1.00 11.71 ? 7   DC  B C6    1 
ATOM   137 P  P     . DA  B 1 2 ? 5.120   4.908   8.342   1.00 21.03 ? 8   DA  B P     1 
ATOM   138 O  OP1   . DA  B 1 2 ? 5.027   5.525   9.649   1.00 23.29 ? 8   DA  B OP1   1 
ATOM   139 O  OP2   . DA  B 1 2 ? 6.427   5.053   7.636   1.00 21.69 ? 8   DA  B OP2   1 
ATOM   140 O  "O5'" . DA  B 1 2 ? 4.640   3.381   8.264   1.00 17.63 ? 8   DA  B "O5'" 1 
ATOM   141 C  "C5'" . DA  B 1 2 ? 4.993   2.346   9.197   1.00 19.11 ? 8   DA  B "C5'" 1 
ATOM   142 C  "C4'" . DA  B 1 2 ? 4.219   1.111   8.819   1.00 16.18 ? 8   DA  B "C4'" 1 
ATOM   143 O  "O4'" . DA  B 1 2 ? 2.817   1.283   9.047   1.00 14.21 ? 8   DA  B "O4'" 1 
ATOM   144 C  "C3'" . DA  B 1 2 ? 4.207   0.672   7.358   1.00 16.53 ? 8   DA  B "C3'" 1 
ATOM   145 O  "O3'" . DA  B 1 2 ? 5.464   0.037   7.119   1.00 15.35 ? 8   DA  B "O3'" 1 
ATOM   146 C  "C2'" . DA  B 1 2 ? 3.017   -0.244  7.280   1.00 14.07 ? 8   DA  B "C2'" 1 
ATOM   147 C  "C1'" . DA  B 1 2 ? 2.104   0.217   8.390   1.00 12.05 ? 8   DA  B "C1'" 1 
ATOM   148 N  N9    . DA  B 1 2 ? 0.904   0.888   7.962   1.00 13.18 ? 8   DA  B N9    1 
ATOM   149 C  C8    . DA  B 1 2 ? -0.257  0.802   8.657   1.00 14.26 ? 8   DA  B C8    1 
ATOM   150 N  N7    . DA  B 1 2 ? -1.242  1.490   8.125   1.00 13.39 ? 8   DA  B N7    1 
ATOM   151 C  C5    . DA  B 1 2 ? -0.695  2.069   6.994   1.00 13.11 ? 8   DA  B C5    1 
ATOM   152 C  C6    . DA  B 1 2 ? -1.259  2.927   5.989   1.00 11.81 ? 8   DA  B C6    1 
ATOM   153 N  N6    . DA  B 1 2 ? -2.551  3.295   6.064   1.00 11.50 ? 8   DA  B N6    1 
ATOM   154 N  N1    . DA  B 1 2 ? -0.436  3.326   4.983   1.00 10.11 ? 8   DA  B N1    1 
ATOM   155 C  C2    . DA  B 1 2 ? 0.857   2.903   4.998   1.00 10.18 ? 8   DA  B C2    1 
ATOM   156 N  N3    . DA  B 1 2 ? 1.463   2.106   5.909   1.00 11.31 ? 8   DA  B N3    1 
ATOM   157 C  C4    . DA  B 1 2 ? 0.629   1.711   6.877   1.00 10.98 ? 8   DA  B C4    1 
ATOM   158 P  P     . DC  B 1 3 ? 6.150   -0.103  5.702   1.00 15.71 ? 9   DC  B P     1 
ATOM   159 O  OP1   . DC  B 1 3 ? 7.431   -0.841  5.858   1.00 19.79 ? 9   DC  B OP1   1 
ATOM   160 O  OP2   . DC  B 1 3 ? 6.272   1.309   5.209   1.00 19.87 ? 9   DC  B OP2   1 
ATOM   161 O  "O5'" . DC  B 1 3 ? 4.965   -0.873  4.958   1.00 21.81 ? 9   DC  B "O5'" 1 
ATOM   162 C  "C5'" . DC  B 1 3 ? 4.963   -1.771  3.878   1.00 20.99 ? 9   DC  B "C5'" 1 
ATOM   163 C  "C4'" . DC  B 1 3 ? 4.205   -1.193  2.730   1.00 13.16 ? 9   DC  B "C4'" 1 
ATOM   164 O  "O4'" . DC  B 1 3 ? 2.808   -1.410  2.928   1.00 12.85 ? 9   DC  B "O4'" 1 
ATOM   165 C  "C3'" . DC  B 1 3 ? 4.379   0.268   2.368   1.00 13.41 ? 9   DC  B "C3'" 1 
ATOM   166 O  "O3'" . DC  B 1 3 ? 4.477   0.418   0.909   1.00 18.10 ? 9   DC  B "O3'" 1 
ATOM   167 C  "C2'" . DC  B 1 3 ? 3.011   0.890   2.703   1.00 10.84 ? 9   DC  B "C2'" 1 
ATOM   168 C  "C1'" . DC  B 1 3 ? 2.118   -0.312  2.389   1.00 13.12 ? 9   DC  B "C1'" 1 
ATOM   169 N  N1    . DC  B 1 3 ? 0.825   -0.237  3.072   1.00 10.98 ? 9   DC  B N1    1 
ATOM   170 C  C2    . DC  B 1 3 ? -0.170  0.484   2.358   1.00 9.83  ? 9   DC  B C2    1 
ATOM   171 O  O2    . DC  B 1 3 ? 0.133   0.956   1.274   1.00 11.82 ? 9   DC  B O2    1 
ATOM   172 N  N3    . DC  B 1 3 ? -1.405  0.608   2.889   1.00 9.94  ? 9   DC  B N3    1 
ATOM   173 C  C4    . DC  B 1 3 ? -1.675  0.054   4.089   1.00 11.34 ? 9   DC  B C4    1 
ATOM   174 N  N4    . DC  B 1 3 ? -2.899  0.221   4.548   1.00 11.72 ? 9   DC  B N4    1 
ATOM   175 C  C5    . DC  B 1 3 ? -0.672  -0.671  4.800   1.00 9.80  ? 9   DC  B C5    1 
ATOM   176 C  C6    . DC  B 1 3 ? 0.538   -0.782  4.267   1.00 9.60  ? 9   DC  B C6    1 
ATOM   177 P  P     . DG  B 1 4 ? 5.906   0.446   0.203   1.00 19.30 ? 10  DG  B P     1 
ATOM   178 O  OP1   . DG  B 1 4 ? 6.676   1.401   0.949   1.00 19.52 ? 10  DG  B OP1   1 
ATOM   179 O  OP2   . DG  B 1 4 ? 5.704   0.561   -1.282  1.00 24.93 ? 10  DG  B OP2   1 
ATOM   180 O  "O5'" . DG  B 1 4 ? 6.554   -1.055  0.523   1.00 16.39 ? 10  DG  B "O5'" 1 
ATOM   181 C  "C5'" . DG  B 1 4 ? 5.979   -2.124  -0.218  1.00 16.36 ? 10  DG  B "C5'" 1 
ATOM   182 C  "C4'" . DG  B 1 4 ? 6.623   -3.415  0.290   1.00 13.16 ? 10  DG  B "C4'" 1 
ATOM   183 O  "O4'" . DG  B 1 4 ? 6.185   -3.664  1.602   1.00 12.29 ? 10  DG  B "O4'" 1 
ATOM   184 C  "C3'" . DG  B 1 4 ? 6.084   -4.566  -0.570  1.00 16.34 ? 10  DG  B "C3'" 1 
ATOM   185 O  "O3'" . DG  B 1 4 ? 7.100   -4.804  -1.523  1.00 19.71 ? 10  DG  B "O3'" 1 
ATOM   186 C  "C2'" . DG  B 1 4 ? 5.824   -5.674  0.363   1.00 16.12 ? 10  DG  B "C2'" 1 
ATOM   187 C  "C1'" . DG  B 1 4 ? 5.889   -5.051  1.755   1.00 15.87 ? 10  DG  B "C1'" 1 
ATOM   188 N  N9    . DG  B 1 4 ? 4.636   -5.038  2.435   1.00 13.05 ? 10  DG  B N9    1 
ATOM   189 C  C8    . DG  B 1 4 ? 4.452   -5.599  3.677   1.00 13.32 ? 10  DG  B C8    1 
ATOM   190 N  N7    . DG  B 1 4 ? 3.236   -5.476  4.107   1.00 15.17 ? 10  DG  B N7    1 
ATOM   191 C  C5    . DG  B 1 4 ? 2.566   -4.792  3.102   1.00 11.71 ? 10  DG  B C5    1 
ATOM   192 C  C6    . DG  B 1 4 ? 1.220   -4.366  2.997   1.00 10.96 ? 10  DG  B C6    1 
ATOM   193 O  O6    . DG  B 1 4 ? 0.304   -4.518  3.826   1.00 15.00 ? 10  DG  B O6    1 
ATOM   194 N  N1    . DG  B 1 4 ? 0.960   -3.709  1.814   1.00 12.32 ? 10  DG  B N1    1 
ATOM   195 C  C2    . DG  B 1 4 ? 1.885   -3.470  0.816   1.00 11.46 ? 10  DG  B C2    1 
ATOM   196 N  N2    . DG  B 1 4 ? 1.407   -2.820  -0.226  1.00 10.96 ? 10  DG  B N2    1 
ATOM   197 N  N3    . DG  B 1 4 ? 3.130   -3.876  0.928   1.00 10.14 ? 10  DG  B N3    1 
ATOM   198 C  C4    . DG  B 1 4 ? 3.421   -4.514  2.063   1.00 10.57 ? 10  DG  B C4    1 
HETATM 199 N  N1    . 5IU B 1 5 ? 1.780   -6.499  -1.690  1.00 13.44 ? 11  5IU B N1    1 
HETATM 200 C  C2    . 5IU B 1 5 ? 0.562   -6.259  -1.033  1.00 11.08 ? 11  5IU B C2    1 
HETATM 201 N  N3    . 5IU B 1 5 ? 0.359   -6.701  0.217   1.00 14.89 ? 11  5IU B N3    1 
HETATM 202 C  C4    . 5IU B 1 5 ? 1.323   -7.412  0.818   1.00 13.00 ? 11  5IU B C4    1 
HETATM 203 C  C5    . 5IU B 1 5 ? 2.548   -7.652  0.177   1.00 12.79 ? 11  5IU B C5    1 
HETATM 204 C  C6    . 5IU B 1 5 ? 2.753   -7.187  -1.058  1.00 13.13 ? 11  5IU B C6    1 
HETATM 205 O  O2    . 5IU B 1 5 ? -0.280  -5.625  -1.633  1.00 15.49 ? 11  5IU B O2    1 
HETATM 206 O  O4    . 5IU B 1 5 ? 1.094   -7.856  2.055   1.00 20.16 ? 11  5IU B O4    1 
HETATM 207 I  I5    . 5IU B 1 5 ? 4.034   -8.741  1.172   1.00 25.53 ? 11  5IU B I5    1 
HETATM 208 C  "C1'" . 5IU B 1 5 ? 1.904   -5.967  -2.999  1.00 12.48 ? 11  5IU B "C1'" 1 
HETATM 209 C  "C2'" . 5IU B 1 5 ? 2.356   -4.506  -2.983  1.00 15.65 ? 11  5IU B "C2'" 1 
HETATM 210 C  "C3'" . 5IU B 1 5 ? 2.883   -4.401  -4.408  1.00 14.81 ? 11  5IU B "C3'" 1 
HETATM 211 C  "C4'" . 5IU B 1 5 ? 3.482   -5.766  -4.676  1.00 13.82 ? 11  5IU B "C4'" 1 
HETATM 212 O  "O3'" . 5IU B 1 5 ? 1.803   -4.075  -5.247  1.00 16.16 ? 11  5IU B "O3'" 1 
HETATM 213 O  "O4'" . 5IU B 1 5 ? 2.900   -6.634  -3.725  1.00 13.37 ? 11  5IU B "O4'" 1 
HETATM 214 C  "C5'" . 5IU B 1 5 ? 4.996   -5.857  -4.629  1.00 15.68 ? 11  5IU B "C5'" 1 
HETATM 215 O  "O5'" . 5IU B 1 5 ? 5.380   -5.336  -3.312  1.00 15.59 ? 11  5IU B "O5'" 1 
HETATM 216 P  P     . 5IU B 1 5 ? 6.934   -5.108  -3.062  1.00 27.43 ? 11  5IU B P     1 
HETATM 217 O  OP1   . 5IU B 1 5 ? 7.705   -6.412  -3.161  1.00 29.25 ? 11  5IU B OP1   1 
HETATM 218 O  OP2   . 5IU B 1 5 ? 7.545   -4.154  -4.036  1.00 24.78 ? 11  5IU B OP2   1 
ATOM   219 P  P     . DG  B 1 6 ? 1.979   -3.072  -6.519  1.00 17.24 ? 12  DG  B P     1 
ATOM   220 O  OP1   . DG  B 1 6 ? 2.537   -1.832  -5.932  1.00 20.16 ? 12  DG  B OP1   1 
ATOM   221 O  OP2   . DG  B 1 6 ? 0.663   -2.991  -7.185  1.00 21.41 ? 12  DG  B OP2   1 
ATOM   222 O  "O5'" . DG  B 1 6 ? 3.097   -3.818  -7.329  1.00 18.47 ? 12  DG  B "O5'" 1 
ATOM   223 C  "C5'" . DG  B 1 6 ? 2.724   -4.870  -8.224  1.00 14.93 ? 12  DG  B "C5'" 1 
ATOM   224 C  "C4'" . DG  B 1 6 ? 3.998   -5.292  -8.922  1.00 17.48 ? 12  DG  B "C4'" 1 
ATOM   225 O  "O4'" . DG  B 1 6 ? 4.726   -6.200  -8.057  1.00 15.56 ? 12  DG  B "O4'" 1 
ATOM   226 C  "C3'" . DG  B 1 6 ? 3.652   -6.135  -10.172 1.00 18.44 ? 12  DG  B "C3'" 1 
ATOM   227 O  "O3'" . DG  B 1 6 ? 4.769   -6.216  -11.049 1.00 19.62 ? 12  DG  B "O3'" 1 
ATOM   228 C  "C2'" . DG  B 1 6 ? 3.429   -7.487  -9.487  1.00 16.80 ? 12  DG  B "C2'" 1 
ATOM   229 C  "C1'" . DG  B 1 6 ? 4.657   -7.537  -8.563  1.00 16.53 ? 12  DG  B "C1'" 1 
ATOM   230 N  N9    . DG  B 1 6 ? 4.510   -8.320  -7.388  1.00 16.07 ? 12  DG  B N9    1 
ATOM   231 C  C8    . DG  B 1 6 ? 5.551   -9.084  -6.876  1.00 14.57 ? 12  DG  B C8    1 
ATOM   232 N  N7    . DG  B 1 6 ? 5.225   -9.720  -5.799  1.00 15.27 ? 12  DG  B N7    1 
ATOM   233 C  C5    . DG  B 1 6 ? 3.891   -9.383  -5.566  1.00 13.70 ? 12  DG  B C5    1 
ATOM   234 C  C6    . DG  B 1 6 ? 3.030   -9.793  -4.520  1.00 14.57 ? 12  DG  B C6    1 
ATOM   235 O  O6    . DG  B 1 6 ? 3.345   -10.575 -3.593  1.00 18.95 ? 12  DG  B O6    1 
ATOM   236 N  N1    . DG  B 1 6 ? 1.751   -9.270  -4.573  1.00 13.48 ? 12  DG  B N1    1 
ATOM   237 C  C2    . DG  B 1 6 ? 1.407   -8.393  -5.612  1.00 12.10 ? 12  DG  B C2    1 
ATOM   238 N  N2    . DG  B 1 6 ? 0.146   -7.951  -5.551  1.00 13.55 ? 12  DG  B N2    1 
ATOM   239 N  N3    . DG  B 1 6 ? 2.213   -8.007  -6.589  1.00 12.10 ? 12  DG  B N3    1 
ATOM   240 C  C4    . DG  B 1 6 ? 3.446   -8.526  -6.527  1.00 13.42 ? 12  DG  B C4    1 
HETATM 241 CO CO    . NCO C 2 . ? 6.203   2.371   -4.551  1.00 17.89 ? 30  NCO A CO    1 
HETATM 242 N  N1    . NCO C 2 . ? 5.974   3.259   -2.763  1.00 23.40 ? 30  NCO A N1    1 
HETATM 243 N  N2    . NCO C 2 . ? 4.393   1.595   -4.394  1.00 34.07 ? 30  NCO A N2    1 
HETATM 244 N  N3    . NCO C 2 . ? 8.068   3.091   -4.653  1.00 21.11 ? 30  NCO A N3    1 
HETATM 245 N  N4    . NCO C 2 . ? 6.952   0.736   -3.579  1.00 40.82 ? 30  NCO A N4    1 
HETATM 246 N  N5    . NCO C 2 . ? 6.476   1.414   -6.273  1.00 15.37 ? 30  NCO A N5    1 
HETATM 247 N  N6    . NCO C 2 . ? 5.520   3.957   -5.456  1.00 23.16 ? 30  NCO A N6    1 
HETATM 248 CO CO    . NCO D 2 . ? -5.709  11.349  -0.382  1.00 15.26 ? 31  NCO A CO    1 
HETATM 249 N  N1    . NCO D 2 . ? -4.410  11.653  1.149   1.00 21.51 ? 31  NCO A N1    1 
HETATM 250 N  N2    . NCO D 2 . ? -6.919  10.364  0.895   1.00 15.45 ? 31  NCO A N2    1 
HETATM 251 N  N3    . NCO D 2 . ? -4.495  12.383  -1.569  1.00 16.64 ? 31  NCO A N3    1 
HETATM 252 N  N4    . NCO D 2 . ? -4.798  9.676   -0.838  1.00 12.34 ? 31  NCO A N4    1 
HETATM 253 N  N5    . NCO D 2 . ? -6.997  11.128  -1.832  1.00 17.71 ? 31  NCO A N5    1 
HETATM 254 N  N6    . NCO D 2 . ? -6.625  13.081  0.156   1.00 18.33 ? 31  NCO A N6    1 
HETATM 255 O  O     . HOH E 3 . ? -0.572  1.995   -3.154  1.00 15.08 ? 101 HOH A O     1 
HETATM 256 O  O     . HOH E 3 . ? -6.986  0.119   3.094   1.00 15.38 ? 102 HOH A O     1 
HETATM 257 O  O     . HOH E 3 . ? 2.539   -11.953 1.474   1.00 19.14 ? 103 HOH A O     1 
HETATM 258 O  O     . HOH E 3 . ? 4.206   6.780   0.186   1.00 28.59 ? 105 HOH A O     1 
HETATM 259 O  O     . HOH E 3 . ? 0.281   3.638   -5.480  1.00 20.26 ? 106 HOH A O     1 
HETATM 260 O  O     . HOH E 3 . ? 3.564   1.755   -7.869  1.00 24.72 ? 109 HOH A O     1 
HETATM 261 O  O     . HOH E 3 . ? -10.756 -2.649  -3.139  1.00 18.44 ? 111 HOH A O     1 
HETATM 262 O  O     . HOH E 3 . ? -5.601  -0.645  -8.910  1.00 38.41 ? 112 HOH A O     1 
HETATM 263 O  O     . HOH E 3 . ? 3.170   14.893  -4.115  1.00 32.29 ? 114 HOH A O     1 
HETATM 264 O  O     . HOH E 3 . ? -11.474 0.205   0.667   1.00 18.61 ? 115 HOH A O     1 
HETATM 265 O  O     . HOH E 3 . ? -10.218 -1.101  2.779   1.00 29.91 ? 120 HOH A O     1 
HETATM 266 O  O     . HOH E 3 . ? -3.553  -8.948  -5.593  1.00 21.76 ? 121 HOH A O     1 
HETATM 267 O  O     . HOH E 3 . ? -5.591  5.797   5.302   1.00 21.45 ? 123 HOH A O     1 
HETATM 268 O  O     . HOH E 3 . ? 3.093   4.337   0.936   1.00 23.18 ? 124 HOH A O     1 
HETATM 269 O  O     . HOH E 3 . ? -0.513  -0.928  -2.936  1.00 23.17 ? 125 HOH A O     1 
HETATM 270 O  O     . HOH E 3 . ? 5.276   14.461  -2.180  1.00 31.86 ? 129 HOH A O     1 
HETATM 271 O  O     . HOH E 3 . ? -2.991  -1.831  -9.789  1.00 32.04 ? 130 HOH A O     1 
HETATM 272 O  O     . HOH E 3 . ? 3.231   2.844   -0.963  1.00 43.66 ? 132 HOH A O     1 
HETATM 273 O  O     . HOH E 3 . ? -8.088  -11.218 -3.960  1.00 40.25 ? 133 HOH A O     1 
HETATM 274 O  O     . HOH E 3 . ? 10.107  2.149   -3.574  1.00 33.53 ? 134 HOH A O     1 
HETATM 275 O  O     . HOH E 3 . ? -4.698  -5.099  -2.279  1.00 26.00 ? 137 HOH A O     1 
HETATM 276 O  O     . HOH E 3 . ? -6.277  -4.840  -4.898  1.00 30.52 ? 140 HOH A O     1 
HETATM 277 O  O     . HOH E 3 . ? -4.188  -3.102  -6.372  1.00 30.22 ? 143 HOH A O     1 
HETATM 278 O  O     . HOH F 3 . ? -0.723  -5.364  -7.242  1.00 18.62 ? 104 HOH B O     1 
HETATM 279 O  O     . HOH F 3 . ? 3.188   -1.304  -2.166  1.00 22.61 ? 107 HOH B O     1 
HETATM 280 O  O     . HOH F 3 . ? -2.030  -5.357  -3.525  1.00 20.77 ? 108 HOH B O     1 
HETATM 281 O  O     . HOH F 3 . ? 9.640   -0.697  4.626   1.00 27.63 ? 110 HOH B O     1 
HETATM 282 O  O     . HOH F 3 . ? 0.516   -2.891  -10.929 1.00 28.38 ? 113 HOH B O     1 
HETATM 283 O  O     . HOH F 3 . ? 9.896   2.972   4.130   1.00 15.89 ? 116 HOH B O     1 
HETATM 284 O  O     . HOH F 3 . ? 7.470   4.447   3.515   1.00 17.18 ? 117 HOH B O     1 
HETATM 285 O  O     . HOH F 3 . ? -5.453  8.475   5.204   1.00 21.43 ? 118 HOH B O     1 
HETATM 286 O  O     . HOH F 3 . ? -1.443  -2.648  -5.097  1.00 25.03 ? 119 HOH B O     1 
HETATM 287 O  O     . HOH F 3 . ? 5.403   -3.031  9.523   1.00 34.58 ? 122 HOH B O     1 
HETATM 288 O  O     . HOH F 3 . ? 8.072   -0.037  9.153   1.00 25.71 ? 126 HOH B O     1 
HETATM 289 O  O     . HOH F 3 . ? 8.670   -2.100  -3.108  1.00 31.49 ? 127 HOH B O     1 
HETATM 290 O  O     . HOH F 3 . ? 8.367   3.096   8.254   1.00 35.02 ? 128 HOH B O     1 
HETATM 291 O  O     . HOH F 3 . ? -0.437  -4.903  -10.157 1.00 27.35 ? 131 HOH B O     1 
HETATM 292 O  O     . HOH F 3 . ? 6.206   3.677   1.678   1.00 25.72 ? 135 HOH B O     1 
HETATM 293 O  O     . HOH F 3 . ? 6.647   4.824   11.992  1.00 40.16 ? 136 HOH B O     1 
HETATM 294 O  O     . HOH F 3 . ? -3.440  2.399   8.870   1.00 43.20 ? 138 HOH B O     1 
HETATM 295 O  O     . HOH F 3 . ? 1.637   0.924   -1.326  1.00 27.96 ? 139 HOH B O     1 
HETATM 296 O  O     . HOH F 3 . ? 7.520   -2.105  8.054   1.00 25.64 ? 141 HOH B O     1 
HETATM 297 O  O     . HOH F 3 . ? 3.796   5.821   11.548  1.00 36.94 ? 142 HOH B O     1 
# 
loop_
_atom_site_anisotrop.id 
_atom_site_anisotrop.type_symbol 
_atom_site_anisotrop.pdbx_label_atom_id 
_atom_site_anisotrop.pdbx_label_alt_id 
_atom_site_anisotrop.pdbx_label_comp_id 
_atom_site_anisotrop.pdbx_label_asym_id 
_atom_site_anisotrop.pdbx_label_seq_id 
_atom_site_anisotrop.pdbx_PDB_ins_code 
_atom_site_anisotrop.U[1][1] 
_atom_site_anisotrop.U[2][2] 
_atom_site_anisotrop.U[3][3] 
_atom_site_anisotrop.U[1][2] 
_atom_site_anisotrop.U[1][3] 
_atom_site_anisotrop.U[2][3] 
_atom_site_anisotrop.pdbx_auth_seq_id 
_atom_site_anisotrop.pdbx_auth_comp_id 
_atom_site_anisotrop.pdbx_auth_asym_id 
_atom_site_anisotrop.pdbx_auth_atom_id 
87  I I5 . 5IU A 5 ? 0.1422 0.1630 0.1454 -0.0062 0.0145  -0.0004 5  5IU A I5 
207 I I5 . 5IU B 5 ? 0.3717 0.2005 0.3738 -0.0574 -0.1343 0.0557  11 5IU B I5 
# 
